data_2COJ
#
_entry.id   2COJ
#
_cell.length_a   66.870
_cell.length_b   106.630
_cell.length_c   109.820
_cell.angle_alpha   90.00
_cell.angle_beta   90.00
_cell.angle_gamma   90.00
#
_symmetry.space_group_name_H-M   'P 21 21 21'
#
loop_
_entity.id
_entity.type
_entity.pdbx_description
1 polymer 'branched chain aminotransferase 1, cytosolic'
2 non-polymer "PYRIDOXAL-5'-PHOSPHATE"
3 non-polymer '[1-(AMINOMETHYL)CYCLOHEXYL]ACETIC ACID'
4 non-polymer 'MAGNESIUM ION'
5 water water
#
_entity_poly.entity_id   1
_entity_poly.type   'polypeptide(L)'
_entity_poly.pdbx_seq_one_letter_code
;MKDCSNGCSAECTGEGGSKEVVGTFKAKDLIVTPATILKEKPDPNNLVFGTVFTDHMLTVEWSSEFGWEKPHIKPLQNLS
LHPGSSALHYAVELFEGLKAFRGVDNKIRLFQPNLNMDRMYRSAVRATLPVFDKEELLECIQQLVKLDQEWVPYSTSASL
YIRPTFIGTEPSLGVKKPTKALLFVLLSPVGPYFSSGTFNPVSLWANPKYVRAWKGGTGDCKMGGNYGSSLFAQCEAVDN
GCQQVLWLYGEDHQITEVGTMNLFLYWINEDGEEELATPPLDGIILPGVTRRCILDLAHQWGEFKVSERYLTMDDLTTAL
EGNRVREMFGSGTACVVCPVSDILYKGETIHIPTMENGPKLASRILSKLTDIQYGREERDWTIVLS
;
_entity_poly.pdbx_strand_id   A,B
#
loop_
_chem_comp.id
_chem_comp.type
_chem_comp.name
_chem_comp.formula
GBN non-polymer '[1-(AMINOMETHYL)CYCLOHEXYL]ACETIC ACID' 'C9 H17 N O2'
MG non-polymer 'MAGNESIUM ION' 'Mg 2'
PLP non-polymer PYRIDOXAL-5'-PHOSPHATE 'C8 H10 N O6 P'
#
# COMPACT_ATOMS: atom_id res chain seq x y z
N VAL A 22 -16.55 -15.70 -12.25
CA VAL A 22 -17.45 -15.24 -11.15
C VAL A 22 -17.99 -16.42 -10.31
N GLY A 23 -17.17 -16.89 -9.37
CA GLY A 23 -17.58 -18.00 -8.52
C GLY A 23 -16.85 -18.06 -7.19
N THR A 24 -16.79 -19.25 -6.58
CA THR A 24 -16.13 -19.42 -5.29
C THR A 24 -15.51 -20.81 -5.13
N PHE A 25 -14.69 -20.97 -4.09
CA PHE A 25 -14.08 -22.26 -3.79
C PHE A 25 -14.96 -22.90 -2.71
N LYS A 26 -14.88 -24.21 -2.56
CA LYS A 26 -15.73 -24.88 -1.58
C LYS A 26 -15.05 -25.76 -0.54
N ALA A 27 -15.41 -25.55 0.72
CA ALA A 27 -14.86 -26.31 1.83
C ALA A 27 -15.00 -27.82 1.66
N LYS A 28 -16.00 -28.24 0.90
CA LYS A 28 -16.20 -29.67 0.67
C LYS A 28 -15.11 -30.24 -0.23
N ASP A 29 -14.33 -29.35 -0.87
CA ASP A 29 -13.28 -29.81 -1.77
C ASP A 29 -11.88 -29.74 -1.16
N LEU A 30 -11.81 -29.41 0.12
CA LEU A 30 -10.53 -29.30 0.81
C LEU A 30 -9.62 -30.52 0.69
N ILE A 31 -8.40 -30.29 0.23
CA ILE A 31 -7.43 -31.36 0.10
C ILE A 31 -6.49 -31.14 1.28
N VAL A 32 -6.55 -32.05 2.25
CA VAL A 32 -5.74 -31.97 3.46
C VAL A 32 -4.42 -32.73 3.33
N THR A 33 -3.34 -32.07 3.73
CA THR A 33 -2.02 -32.67 3.66
C THR A 33 -1.26 -32.43 4.96
N PRO A 34 -1.37 -33.37 5.90
CA PRO A 34 -0.71 -33.28 7.21
C PRO A 34 0.81 -33.27 7.21
N ALA A 35 1.39 -32.45 8.09
CA ALA A 35 2.83 -32.37 8.20
C ALA A 35 3.29 -33.63 8.94
N THR A 36 4.40 -34.20 8.50
CA THR A 36 4.91 -35.41 9.15
C THR A 36 5.73 -35.01 10.36
N ILE A 37 6.41 -33.86 10.27
CA ILE A 37 7.21 -33.35 11.36
C ILE A 37 6.45 -32.17 11.97
N LEU A 38 5.92 -32.37 13.17
CA LEU A 38 5.16 -31.33 13.86
C LEU A 38 6.01 -30.59 14.89
N LYS A 39 5.91 -29.26 14.88
CA LYS A 39 6.65 -28.42 15.81
C LYS A 39 6.09 -28.44 17.22
N GLU A 40 6.95 -28.21 18.21
CA GLU A 40 6.56 -28.17 19.61
C GLU A 40 5.90 -26.82 19.92
N LYS A 41 4.76 -26.86 20.60
CA LYS A 41 4.07 -25.62 20.96
C LYS A 41 4.94 -24.76 21.87
N PRO A 42 4.76 -23.44 21.80
CA PRO A 42 5.56 -22.56 22.66
C PRO A 42 4.99 -22.47 24.07
N ASP A 43 5.58 -21.60 24.87
CA ASP A 43 5.14 -21.38 26.23
C ASP A 43 4.02 -20.35 26.16
N PRO A 44 2.83 -20.67 26.70
CA PRO A 44 1.66 -19.79 26.71
C PRO A 44 1.88 -18.43 27.37
N ASN A 45 3.07 -18.22 27.92
CA ASN A 45 3.40 -16.95 28.57
C ASN A 45 4.70 -16.37 28.02
N LEU A 47 5.05 -15.35 24.96
CA LEU A 47 4.69 -15.24 23.52
C LEU A 47 4.85 -13.83 22.96
N VAL A 48 5.40 -13.74 21.75
CA VAL A 48 5.58 -12.47 21.08
C VAL A 48 4.59 -12.49 19.90
N PHE A 49 3.73 -11.48 19.84
CA PHE A 49 2.71 -11.39 18.81
C PHE A 49 3.14 -11.68 17.36
N GLY A 50 2.49 -12.68 16.76
CA GLY A 50 2.79 -13.02 15.38
C GLY A 50 4.19 -13.47 15.11
N THR A 51 4.83 -14.02 16.13
CA THR A 51 6.19 -14.50 16.04
C THR A 51 6.25 -16.00 15.76
N VAL A 52 5.39 -16.77 16.42
CA VAL A 52 5.37 -18.21 16.21
C VAL A 52 4.18 -18.61 15.36
N PHE A 53 4.39 -19.56 14.45
CA PHE A 53 3.32 -20.01 13.58
C PHE A 53 3.09 -21.52 13.77
N THR A 54 1.88 -21.98 13.47
CA THR A 54 1.50 -23.39 13.62
C THR A 54 2.09 -24.37 12.61
N ASP A 55 1.59 -25.60 12.63
CA ASP A 55 2.05 -26.67 11.72
C ASP A 55 1.53 -26.55 10.30
N HIS A 56 0.26 -26.19 10.17
CA HIS A 56 -0.37 -26.08 8.86
C HIS A 56 -0.89 -24.69 8.51
N MET A 57 -1.17 -24.51 7.23
CA MET A 57 -1.69 -23.27 6.69
C MET A 57 -2.72 -23.60 5.63
N LEU A 58 -3.47 -22.60 5.19
CA LEU A 58 -4.50 -22.78 4.16
C LEU A 58 -4.14 -21.92 2.97
N THR A 59 -4.24 -22.47 1.76
CA THR A 59 -3.95 -21.70 0.55
C THR A 59 -4.98 -22.05 -0.53
N VAL A 60 -5.29 -21.06 -1.36
CA VAL A 60 -6.25 -21.24 -2.43
C VAL A 60 -5.84 -20.37 -3.60
N GLU A 61 -5.53 -21.02 -4.73
CA GLU A 61 -5.10 -20.33 -5.94
C GLU A 61 -6.29 -19.84 -6.76
N TRP A 62 -6.09 -18.71 -7.45
CA TRP A 62 -7.13 -18.14 -8.30
C TRP A 62 -6.54 -17.57 -9.58
N SER A 63 -7.22 -17.83 -10.68
CA SER A 63 -6.80 -17.33 -11.98
C SER A 63 -8.09 -16.85 -12.62
N SER A 64 -8.01 -15.75 -13.36
CA SER A 64 -9.20 -15.20 -14.01
C SER A 64 -9.66 -16.12 -15.15
N GLU A 65 -8.77 -17.01 -15.58
CA GLU A 65 -9.08 -17.93 -16.66
C GLU A 65 -9.89 -19.14 -16.21
N PHE A 66 -9.57 -19.68 -15.04
CA PHE A 66 -10.27 -20.86 -14.54
C PHE A 66 -10.93 -20.65 -13.16
N GLY A 67 -10.80 -19.45 -12.62
CA GLY A 67 -11.39 -19.14 -11.33
C GLY A 67 -10.67 -19.71 -10.11
N TRP A 68 -11.43 -19.93 -9.04
CA TRP A 68 -10.87 -20.48 -7.82
C TRP A 68 -10.53 -21.96 -7.98
N GLU A 69 -9.35 -22.33 -7.49
CA GLU A 69 -8.91 -23.71 -7.53
C GLU A 69 -9.47 -24.33 -6.26
N LYS A 70 -9.11 -25.57 -5.98
CA LYS A 70 -9.59 -26.21 -4.77
C LYS A 70 -8.67 -25.84 -3.61
N PRO A 71 -9.25 -25.56 -2.44
CA PRO A 71 -8.49 -25.17 -1.25
C PRO A 71 -7.64 -26.29 -0.64
N HIS A 72 -6.46 -25.93 -0.17
CA HIS A 72 -5.53 -26.86 0.44
C HIS A 72 -5.17 -26.51 1.87
N ILE A 73 -4.86 -27.52 2.67
CA ILE A 73 -4.42 -27.34 4.04
C ILE A 73 -3.14 -28.16 4.11
N LYS A 74 -2.01 -27.49 3.93
CA LYS A 74 -0.71 -28.13 3.90
C LYS A 74 0.21 -27.60 4.99
N PRO A 75 1.39 -28.22 5.13
CA PRO A 75 2.35 -27.75 6.14
C PRO A 75 2.72 -26.31 5.88
N LEU A 76 3.04 -25.57 6.94
CA LEU A 76 3.47 -24.20 6.76
C LEU A 76 4.68 -24.27 5.83
N GLN A 77 4.80 -23.26 4.98
CA GLN A 77 5.92 -23.20 4.04
C GLN A 77 5.95 -21.84 3.35
N ASN A 78 7.11 -21.50 2.82
CA ASN A 78 7.25 -20.24 2.11
C ASN A 78 6.25 -20.17 0.97
N LEU A 79 6.12 -18.99 0.38
CA LEU A 79 5.25 -18.82 -0.77
C LEU A 79 6.19 -18.75 -1.96
N SER A 80 5.79 -19.36 -3.07
CA SER A 80 6.60 -19.34 -4.29
C SER A 80 5.93 -18.33 -5.21
N LEU A 81 6.41 -17.09 -5.18
CA LEU A 81 5.82 -16.04 -5.99
C LEU A 81 6.71 -15.50 -7.10
N HIS A 82 6.09 -15.20 -8.25
CA HIS A 82 6.80 -14.64 -9.38
C HIS A 82 7.29 -13.27 -8.90
N PRO A 83 8.52 -12.87 -9.29
CA PRO A 83 9.09 -11.58 -8.87
C PRO A 83 8.23 -10.38 -9.25
N GLY A 84 7.45 -10.53 -10.32
CA GLY A 84 6.60 -9.44 -10.77
C GLY A 84 5.26 -9.33 -10.07
N SER A 85 4.94 -10.30 -9.21
CA SER A 85 3.68 -10.32 -8.49
C SER A 85 3.26 -8.91 -8.08
N SER A 86 2.02 -8.54 -8.39
CA SER A 86 1.53 -7.20 -8.09
C SER A 86 1.39 -6.84 -6.60
N ALA A 87 1.45 -7.84 -5.73
CA ALA A 87 1.35 -7.56 -4.29
C ALA A 87 2.68 -6.98 -3.76
N LEU A 88 3.76 -7.23 -4.51
CA LEU A 88 5.08 -6.76 -4.12
C LEU A 88 5.43 -5.41 -4.77
N HIS A 89 4.70 -5.04 -5.82
CA HIS A 89 4.97 -3.80 -6.54
C HIS A 89 3.94 -2.71 -6.32
N TYR A 90 2.66 -3.08 -6.36
CA TYR A 90 1.59 -2.11 -6.18
C TYR A 90 0.66 -2.41 -5.00
N ALA A 91 1.20 -3.09 -3.98
CA ALA A 91 0.43 -3.41 -2.79
C ALA A 91 -0.96 -3.96 -3.04
N VAL A 92 -1.12 -4.79 -4.06
CA VAL A 92 -2.43 -5.38 -4.32
C VAL A 92 -2.61 -6.44 -3.24
N GLU A 93 -3.03 -6.00 -2.06
CA GLU A 93 -3.20 -6.91 -0.94
C GLU A 93 -4.20 -6.42 0.10
N LEU A 94 -4.61 -7.34 0.96
CA LEU A 94 -5.53 -7.02 2.04
C LEU A 94 -5.46 -8.17 3.05
N PHE A 95 -5.83 -7.91 4.29
CA PHE A 95 -5.76 -8.95 5.31
C PHE A 95 -6.86 -8.85 6.36
N GLU A 96 -6.87 -9.81 7.28
CA GLU A 96 -7.84 -9.82 8.37
C GLU A 96 -7.16 -10.33 9.64
N GLY A 97 -7.82 -10.15 10.77
CA GLY A 97 -7.25 -10.60 12.02
C GLY A 97 -8.32 -10.95 13.04
N LEU A 98 -8.41 -12.24 13.35
CA LEU A 98 -9.37 -12.71 14.33
C LEU A 98 -8.70 -13.74 15.23
N LYS A 99 -9.44 -14.26 16.20
CA LYS A 99 -8.87 -15.23 17.13
C LYS A 99 -9.80 -16.38 17.50
N ALA A 100 -9.19 -17.45 18.00
CA ALA A 100 -9.90 -18.63 18.46
C ALA A 100 -9.50 -18.72 19.92
N PHE A 101 -10.45 -18.99 20.80
CA PHE A 101 -10.14 -19.09 22.22
C PHE A 101 -10.55 -20.43 22.82
N ARG A 102 -9.76 -20.91 23.77
CA ARG A 102 -10.06 -22.16 24.44
C ARG A 102 -10.87 -21.76 25.68
N GLY A 103 -12.15 -22.10 25.69
CA GLY A 103 -12.98 -21.73 26.82
C GLY A 103 -12.61 -22.39 28.13
N VAL A 104 -13.22 -21.95 29.22
CA VAL A 104 -12.96 -22.52 30.53
C VAL A 104 -13.61 -23.91 30.58
N ASP A 105 -14.14 -24.34 29.44
CA ASP A 105 -14.76 -25.65 29.32
C ASP A 105 -13.96 -26.46 28.31
N ASN A 106 -12.85 -25.89 27.88
CA ASN A 106 -11.93 -26.52 26.93
C ASN A 106 -12.49 -26.54 25.50
N LYS A 107 -13.64 -25.92 25.29
CA LYS A 107 -14.22 -25.87 23.95
C LYS A 107 -13.64 -24.66 23.25
N ILE A 108 -13.15 -24.86 22.03
CA ILE A 108 -12.54 -23.78 21.25
C ILE A 108 -13.61 -22.89 20.64
N ARG A 109 -13.42 -21.58 20.74
CA ARG A 109 -14.41 -20.65 20.21
C ARG A 109 -13.87 -19.56 19.29
N LEU A 110 -14.69 -19.19 18.31
CA LEU A 110 -14.37 -18.11 17.38
C LEU A 110 -15.27 -16.95 17.83
N PHE A 111 -14.85 -15.72 17.58
CA PHE A 111 -15.61 -14.54 18.00
C PHE A 111 -15.98 -13.60 16.85
N GLN A 112 -17.28 -13.44 16.60
CA GLN A 112 -17.77 -12.57 15.54
C GLN A 112 -17.11 -12.83 14.18
N PRO A 113 -16.74 -14.08 13.89
CA PRO A 113 -16.08 -14.40 12.61
C PRO A 113 -16.79 -13.80 11.39
N ASN A 114 -18.10 -13.99 11.32
CA ASN A 114 -18.90 -13.51 10.21
C ASN A 114 -18.65 -12.05 9.83
N LEU A 115 -18.30 -11.22 10.81
CA LEU A 115 -18.02 -9.82 10.51
C LEU A 115 -16.67 -9.72 9.79
N ASN A 116 -15.68 -10.45 10.26
CA ASN A 116 -14.36 -10.44 9.64
C ASN A 116 -14.49 -10.86 8.18
N MET A 117 -15.32 -11.87 7.92
CA MET A 117 -15.53 -12.36 6.56
C MET A 117 -16.17 -11.26 5.71
N ASP A 118 -17.12 -10.52 6.29
CA ASP A 118 -17.80 -9.45 5.57
C ASP A 118 -16.84 -8.30 5.24
N ARG A 119 -15.96 -7.99 6.17
CA ARG A 119 -15.00 -6.91 5.96
C ARG A 119 -13.97 -7.32 4.91
N MET A 120 -13.50 -8.56 5.00
CA MET A 120 -12.51 -9.05 4.05
C MET A 120 -13.11 -9.01 2.65
N TYR A 121 -14.37 -9.41 2.57
CA TYR A 121 -15.11 -9.42 1.31
C TYR A 121 -15.14 -8.01 0.74
N ARG A 122 -15.73 -7.08 1.49
CA ARG A 122 -15.81 -5.68 1.04
C ARG A 122 -14.43 -5.18 0.63
N SER A 123 -13.41 -5.65 1.32
CA SER A 123 -12.03 -5.25 1.02
C SER A 123 -11.57 -5.77 -0.33
N ALA A 124 -11.77 -7.06 -0.58
CA ALA A 124 -11.36 -7.65 -1.85
C ALA A 124 -11.94 -6.85 -3.00
N VAL A 125 -13.22 -6.53 -2.89
CA VAL A 125 -13.92 -5.76 -3.92
C VAL A 125 -13.29 -4.39 -4.08
N ARG A 126 -12.91 -3.77 -2.97
CA ARG A 126 -12.31 -2.45 -3.04
C ARG A 126 -10.88 -2.54 -3.56
N ALA A 127 -10.32 -3.74 -3.57
CA ALA A 127 -8.94 -3.93 -4.05
C ALA A 127 -8.95 -4.43 -5.51
N THR A 128 -10.13 -4.81 -5.97
CA THR A 128 -10.35 -5.35 -7.31
C THR A 128 -9.86 -6.80 -7.35
N LEU A 129 -9.75 -7.40 -6.16
CA LEU A 129 -9.36 -8.78 -6.05
C LEU A 129 -10.69 -9.57 -6.14
N PRO A 130 -10.65 -10.83 -6.59
CA PRO A 130 -11.84 -11.67 -6.73
C PRO A 130 -12.68 -12.00 -5.49
N VAL A 131 -14.00 -11.90 -5.65
CA VAL A 131 -14.92 -12.21 -4.55
C VAL A 131 -14.96 -13.71 -4.28
N PHE A 132 -15.47 -14.09 -3.11
CA PHE A 132 -15.58 -15.49 -2.73
C PHE A 132 -16.79 -15.67 -1.82
N ASP A 133 -17.16 -16.92 -1.56
CA ASP A 133 -18.29 -17.20 -0.68
C ASP A 133 -17.74 -17.14 0.75
N LYS A 134 -18.23 -16.18 1.52
CA LYS A 134 -17.79 -15.97 2.89
C LYS A 134 -18.00 -17.17 3.81
N GLU A 135 -19.05 -17.93 3.55
CA GLU A 135 -19.36 -19.11 4.35
C GLU A 135 -18.34 -20.21 4.11
N GLU A 136 -17.96 -20.39 2.85
CA GLU A 136 -16.98 -21.41 2.50
C GLU A 136 -15.63 -21.12 3.13
N LEU A 137 -15.23 -19.85 3.11
CA LEU A 137 -13.95 -19.45 3.66
C LEU A 137 -13.94 -19.72 5.16
N LEU A 138 -15.03 -19.34 5.82
CA LEU A 138 -15.14 -19.51 7.26
C LEU A 138 -15.03 -20.96 7.66
N GLU A 139 -15.69 -21.83 6.89
CA GLU A 139 -15.65 -23.26 7.18
C GLU A 139 -14.21 -23.74 6.94
N CYS A 140 -13.61 -23.28 5.85
CA CYS A 140 -12.24 -23.64 5.55
C CYS A 140 -11.32 -23.21 6.69
N ILE A 141 -11.68 -22.14 7.38
CA ILE A 141 -10.84 -21.67 8.49
C ILE A 141 -11.07 -22.52 9.74
N GLN A 142 -12.32 -22.93 9.95
CA GLN A 142 -12.65 -23.78 11.09
C GLN A 142 -11.86 -25.09 10.93
N GLN A 143 -11.79 -25.59 9.70
CA GLN A 143 -11.06 -26.82 9.40
C GLN A 143 -9.57 -26.69 9.67
N LEU A 144 -9.00 -25.51 9.37
CA LEU A 144 -7.58 -25.25 9.59
C LEU A 144 -7.31 -25.23 11.10
N VAL A 145 -8.14 -24.50 11.84
CA VAL A 145 -7.97 -24.42 13.28
C VAL A 145 -8.21 -25.81 13.88
N LYS A 146 -9.30 -26.46 13.47
CA LYS A 146 -9.64 -27.79 13.97
C LYS A 146 -8.41 -28.68 13.92
N LEU A 147 -7.73 -28.67 12.78
CA LEU A 147 -6.52 -29.47 12.59
C LEU A 147 -5.45 -29.08 13.59
N ASP A 148 -5.19 -27.77 13.71
CA ASP A 148 -4.18 -27.25 14.63
C ASP A 148 -4.73 -26.73 15.96
N GLN A 149 -5.78 -27.35 16.48
CA GLN A 149 -6.39 -26.90 17.72
C GLN A 149 -5.50 -26.98 18.96
N GLU A 150 -4.57 -27.92 18.99
CA GLU A 150 -3.69 -28.04 20.14
C GLU A 150 -2.79 -26.81 20.30
N TRP A 151 -2.72 -25.98 19.26
CA TRP A 151 -1.91 -24.77 19.30
C TRP A 151 -2.69 -23.68 20.03
N VAL A 152 -4.02 -23.79 20.00
CA VAL A 152 -4.87 -22.82 20.69
C VAL A 152 -4.43 -22.95 22.13
N PRO A 153 -3.64 -21.98 22.61
CA PRO A 153 -3.08 -21.91 23.96
C PRO A 153 -3.95 -22.45 25.09
N TYR A 154 -3.33 -23.22 25.98
CA TYR A 154 -4.01 -23.75 27.15
C TYR A 154 -3.80 -22.69 28.22
N SER A 155 -4.32 -21.50 27.95
CA SER A 155 -4.20 -20.37 28.86
C SER A 155 -5.49 -19.58 28.76
N THR A 156 -5.74 -18.71 29.73
CA THR A 156 -6.95 -17.91 29.70
C THR A 156 -6.60 -16.48 29.31
N SER A 157 -5.31 -16.23 29.14
CA SER A 157 -4.83 -14.91 28.76
C SER A 157 -4.03 -15.02 27.46
N ALA A 158 -4.31 -16.07 26.70
CA ALA A 158 -3.63 -16.31 25.45
C ALA A 158 -4.58 -16.94 24.47
N SER A 159 -4.34 -16.72 23.18
CA SER A 159 -5.20 -17.24 22.13
C SER A 159 -4.40 -17.55 20.86
N LEU A 160 -5.12 -17.87 19.79
CA LEU A 160 -4.50 -18.18 18.51
C LEU A 160 -4.95 -17.13 17.50
N TYR A 161 -4.00 -16.36 16.97
CA TYR A 161 -4.32 -15.32 16.01
C TYR A 161 -4.49 -15.92 14.62
N ILE A 162 -5.60 -15.60 13.99
CA ILE A 162 -5.91 -16.11 12.65
C ILE A 162 -5.70 -14.98 11.66
N ARG A 163 -4.73 -15.14 10.77
CA ARG A 163 -4.43 -14.12 9.78
C ARG A 163 -4.78 -14.51 8.35
N PRO A 164 -5.99 -14.13 7.87
CA PRO A 164 -6.36 -14.46 6.50
C PRO A 164 -5.65 -13.39 5.67
N THR A 165 -5.16 -13.77 4.50
CA THR A 165 -4.43 -12.84 3.66
C THR A 165 -4.78 -13.11 2.21
N PHE A 166 -5.00 -12.03 1.47
CA PHE A 166 -5.41 -12.10 0.07
C PHE A 166 -4.43 -11.22 -0.73
N ILE A 167 -3.68 -11.81 -1.65
CA ILE A 167 -2.69 -11.08 -2.43
C ILE A 167 -2.73 -11.33 -3.92
N GLY A 168 -2.38 -10.30 -4.70
CA GLY A 168 -2.35 -10.44 -6.15
C GLY A 168 -1.03 -11.02 -6.63
N THR A 169 -1.11 -12.00 -7.53
CA THR A 169 0.10 -12.63 -8.05
C THR A 169 0.25 -12.43 -9.56
N GLU A 170 -0.23 -11.29 -10.04
CA GLU A 170 -0.15 -10.94 -11.46
C GLU A 170 1.32 -10.82 -11.87
N PRO A 171 1.81 -11.75 -12.70
CA PRO A 171 3.21 -11.69 -13.12
C PRO A 171 3.48 -10.61 -14.17
N SER A 172 2.92 -9.42 -13.97
CA SER A 172 3.14 -8.33 -14.92
C SER A 172 3.21 -6.96 -14.21
N LEU A 173 4.14 -6.13 -14.68
CA LEU A 173 4.37 -4.82 -14.10
C LEU A 173 3.28 -3.75 -14.35
N GLY A 174 2.30 -4.07 -15.18
CA GLY A 174 1.25 -3.10 -15.46
C GLY A 174 0.27 -2.95 -14.32
N VAL A 175 0.03 -1.71 -13.90
CA VAL A 175 -0.91 -1.48 -12.82
C VAL A 175 -2.28 -1.80 -13.38
N LYS A 176 -2.83 -2.95 -12.99
CA LYS A 176 -4.13 -3.40 -13.48
C LYS A 176 -4.76 -4.45 -12.57
N LYS A 177 -6.07 -4.60 -12.68
CA LYS A 177 -6.79 -5.61 -11.90
C LYS A 177 -6.07 -6.94 -12.14
N PRO A 178 -5.62 -7.59 -11.07
CA PRO A 178 -4.93 -8.88 -11.18
C PRO A 178 -5.74 -10.01 -11.82
N THR A 179 -5.06 -10.81 -12.63
CA THR A 179 -5.67 -11.94 -13.31
C THR A 179 -5.24 -13.22 -12.58
N LYS A 180 -4.47 -13.04 -11.51
CA LYS A 180 -4.01 -14.13 -10.67
C LYS A 180 -3.98 -13.67 -9.22
N ALA A 181 -4.44 -14.53 -8.32
CA ALA A 181 -4.46 -14.18 -6.92
C ALA A 181 -4.16 -15.38 -6.04
N LEU A 182 -3.87 -15.09 -4.77
CA LEU A 182 -3.55 -16.11 -3.81
C LEU A 182 -4.15 -15.74 -2.44
N LEU A 183 -4.94 -16.66 -1.90
CA LEU A 183 -5.60 -16.49 -0.61
C LEU A 183 -5.04 -17.53 0.32
N PHE A 184 -4.63 -17.11 1.52
CA PHE A 184 -4.09 -18.06 2.49
C PHE A 184 -4.41 -17.67 3.92
N VAL A 185 -4.17 -18.57 4.86
CA VAL A 185 -4.45 -18.25 6.27
C VAL A 185 -3.35 -18.83 7.16
N LEU A 186 -2.80 -17.96 7.99
CA LEU A 186 -1.74 -18.34 8.93
C LEU A 186 -2.28 -18.39 10.34
N LEU A 187 -1.67 -19.22 11.17
CA LEU A 187 -2.07 -19.36 12.56
C LEU A 187 -0.88 -19.05 13.46
N SER A 188 -1.09 -18.15 14.41
CA SER A 188 -0.02 -17.77 15.32
C SER A 188 -0.46 -17.67 16.77
N PRO A 189 -0.02 -18.62 17.61
CA PRO A 189 -0.44 -18.51 19.00
C PRO A 189 0.14 -17.20 19.56
N VAL A 190 -0.67 -16.46 20.32
CA VAL A 190 -0.22 -15.20 20.90
C VAL A 190 -0.85 -14.93 22.26
N GLY A 191 -0.26 -13.96 22.97
CA GLY A 191 -0.75 -13.52 24.26
C GLY A 191 -1.15 -12.07 24.05
N PRO A 192 -0.30 -11.12 24.48
CA PRO A 192 -0.55 -9.68 24.34
C PRO A 192 0.09 -9.11 23.05
N TYR A 193 -0.28 -7.89 22.70
CA TYR A 193 0.28 -7.25 21.50
C TYR A 193 1.61 -6.57 21.78
N PHE A 194 1.68 -5.78 22.85
CA PHE A 194 2.92 -5.08 23.21
C PHE A 194 3.87 -5.93 24.04
N PHE A 199 -3.84 -3.99 32.76
CA PHE A 199 -3.47 -3.21 31.55
C PHE A 199 -2.04 -2.69 31.58
N ASN A 200 -1.72 -1.94 30.54
CA ASN A 200 -0.41 -1.32 30.39
C ASN A 200 -0.65 -0.09 29.52
N PRO A 201 -1.02 1.03 30.16
CA PRO A 201 -1.29 2.26 29.41
C PRO A 201 -0.16 2.61 28.42
N VAL A 202 -0.53 3.33 27.37
CA VAL A 202 0.45 3.73 26.36
C VAL A 202 0.47 5.23 26.25
N SER A 203 1.54 5.75 25.69
CA SER A 203 1.69 7.19 25.48
C SER A 203 1.66 7.39 23.97
N LEU A 204 0.92 8.40 23.52
CA LEU A 204 0.77 8.65 22.08
C LEU A 204 1.53 9.83 21.52
N TRP A 205 2.00 9.66 20.29
CA TRP A 205 2.73 10.69 19.58
C TRP A 205 1.72 11.37 18.64
N ALA A 206 1.51 12.67 18.82
CA ALA A 206 0.55 13.38 17.98
C ALA A 206 1.20 14.43 17.08
N ASN A 207 1.56 14.03 15.88
CA ASN A 207 2.18 14.90 14.89
C ASN A 207 1.26 15.00 13.66
N PRO A 208 0.55 16.14 13.52
CA PRO A 208 -0.37 16.35 12.40
C PRO A 208 0.25 16.34 11.00
N LYS A 209 1.57 16.28 10.90
CA LYS A 209 2.23 16.26 9.59
C LYS A 209 2.02 14.91 8.90
N TYR A 210 1.60 13.89 9.65
CA TYR A 210 1.36 12.57 9.09
C TYR A 210 -0.13 12.24 9.08
N VAL A 211 -0.65 11.93 7.90
CA VAL A 211 -2.08 11.59 7.77
C VAL A 211 -2.23 10.13 7.38
N ARG A 212 -2.99 9.39 8.18
CA ARG A 212 -3.20 7.99 7.93
C ARG A 212 -4.12 7.77 6.74
N ALA A 213 -5.28 8.42 6.74
CA ALA A 213 -6.25 8.24 5.66
C ALA A 213 -6.92 9.54 5.24
N TRP A 214 -7.43 9.54 4.01
CA TRP A 214 -8.06 10.71 3.45
C TRP A 214 -9.41 10.35 2.82
N LYS A 215 -10.37 11.28 2.87
CA LYS A 215 -11.66 11.03 2.26
C LYS A 215 -11.40 10.69 0.80
N GLY A 216 -11.96 9.56 0.35
CA GLY A 216 -11.76 9.18 -1.05
C GLY A 216 -10.69 8.12 -1.18
N GLY A 217 -10.06 7.77 -0.06
CA GLY A 217 -9.02 6.76 -0.05
C GLY A 217 -9.55 5.39 0.39
N THR A 218 -8.68 4.59 0.99
CA THR A 218 -9.04 3.24 1.43
C THR A 218 -8.87 2.99 2.93
N GLY A 219 -8.79 4.07 3.71
CA GLY A 219 -8.62 3.93 5.15
C GLY A 219 -9.63 3.05 5.84
N ASP A 220 -10.83 2.93 5.28
CA ASP A 220 -11.86 2.10 5.89
C ASP A 220 -11.84 0.63 5.49
N CYS A 221 -10.73 0.18 4.91
CA CYS A 221 -10.58 -1.22 4.54
C CYS A 221 -9.25 -1.68 5.12
N LYS A 222 -9.06 -3.00 5.28
CA LYS A 222 -7.80 -3.49 5.82
C LYS A 222 -6.91 -3.91 4.67
N MET A 223 -6.53 -2.94 3.84
CA MET A 223 -5.66 -3.19 2.70
C MET A 223 -4.25 -2.77 3.09
N GLY A 224 -3.28 -3.64 2.82
CA GLY A 224 -1.90 -3.36 3.17
C GLY A 224 -1.32 -1.99 2.88
N GLY A 225 -1.81 -1.35 1.82
CA GLY A 225 -1.31 -0.03 1.46
C GLY A 225 -1.50 1.04 2.50
N ASN A 226 -2.43 0.83 3.42
CA ASN A 226 -2.68 1.83 4.46
C ASN A 226 -1.70 1.70 5.60
N TYR A 227 -0.94 0.60 5.63
CA TYR A 227 -0.02 0.39 6.74
C TYR A 227 1.47 0.63 6.54
N GLY A 228 2.00 0.28 5.37
CA GLY A 228 3.41 0.48 5.14
C GLY A 228 3.85 1.90 5.39
N SER A 229 3.03 2.83 4.89
CA SER A 229 3.26 4.26 5.02
C SER A 229 3.28 4.86 6.43
N SER A 230 3.01 4.04 7.45
CA SER A 230 3.01 4.57 8.81
C SER A 230 4.19 4.16 9.70
N LEU A 231 4.99 3.21 9.24
CA LEU A 231 6.15 2.75 10.01
C LEU A 231 7.12 3.90 10.34
N PHE A 232 7.14 4.92 9.49
CA PHE A 232 8.04 6.06 9.72
C PHE A 232 7.56 6.84 10.95
N ALA A 233 6.25 7.07 11.05
CA ALA A 233 5.66 7.79 12.16
C ALA A 233 5.80 6.97 13.43
N GLN A 234 5.59 5.65 13.32
CA GLN A 234 5.70 4.78 14.47
C GLN A 234 7.10 4.90 15.05
N CYS A 235 8.10 4.86 14.18
CA CYS A 235 9.50 4.98 14.61
C CYS A 235 9.70 6.33 15.28
N GLU A 236 9.20 7.37 14.65
CA GLU A 236 9.32 8.70 15.22
C GLU A 236 8.62 8.71 16.58
N ALA A 237 7.64 7.84 16.76
CA ALA A 237 6.91 7.76 18.02
C ALA A 237 7.79 7.21 19.13
N VAL A 238 8.37 6.04 18.91
CA VAL A 238 9.22 5.43 19.92
C VAL A 238 10.38 6.36 20.25
N ASP A 239 11.00 6.93 19.22
CA ASP A 239 12.11 7.82 19.42
C ASP A 239 11.76 8.86 20.48
N ASN A 240 10.48 9.19 20.59
CA ASN A 240 10.03 10.17 21.56
C ASN A 240 9.32 9.53 22.75
N GLY A 241 9.79 8.36 23.16
CA GLY A 241 9.21 7.68 24.30
C GLY A 241 7.76 7.20 24.23
N CYS A 242 7.14 7.31 23.05
CA CYS A 242 5.75 6.87 22.89
C CYS A 242 5.66 5.45 22.30
N GLN A 243 4.58 4.75 22.63
CA GLN A 243 4.37 3.39 22.15
C GLN A 243 3.51 3.32 20.88
N GLN A 244 2.74 4.38 20.61
CA GLN A 244 1.84 4.42 19.45
C GLN A 244 1.67 5.84 18.90
N VAL A 245 1.08 5.91 17.71
CA VAL A 245 0.84 7.18 17.04
C VAL A 245 -0.64 7.59 17.12
N LEU A 246 -0.90 8.84 17.51
CA LEU A 246 -2.27 9.33 17.54
C LEU A 246 -2.43 9.99 16.16
N TRP A 247 -3.32 9.44 15.35
CA TRP A 247 -3.54 9.97 14.02
C TRP A 247 -4.49 11.15 13.96
N LEU A 248 -3.95 12.28 13.51
CA LEU A 248 -4.72 13.51 13.40
C LEU A 248 -5.17 13.77 11.96
N TYR A 249 -6.31 14.43 11.81
CA TYR A 249 -6.87 14.70 10.48
C TYR A 249 -7.58 16.05 10.38
N GLY A 250 -7.37 16.75 9.27
CA GLY A 250 -8.03 18.01 9.05
C GLY A 250 -7.47 19.19 9.81
N GLU A 251 -7.91 20.37 9.41
CA GLU A 251 -7.46 21.63 10.01
C GLU A 251 -7.74 21.69 11.50
N ASP A 252 -8.85 21.09 11.91
CA ASP A 252 -9.23 21.10 13.31
C ASP A 252 -8.62 19.96 14.13
N HIS A 253 -7.63 19.29 13.57
CA HIS A 253 -6.94 18.19 14.23
C HIS A 253 -7.85 17.21 14.94
N GLN A 254 -8.77 16.59 14.20
CA GLN A 254 -9.66 15.60 14.79
C GLN A 254 -8.80 14.40 15.18
N ILE A 255 -9.19 13.71 16.24
CA ILE A 255 -8.46 12.52 16.66
C ILE A 255 -9.25 11.37 16.03
N THR A 256 -8.59 10.53 15.25
CA THR A 256 -9.27 9.45 14.56
C THR A 256 -9.06 8.06 15.11
N GLU A 257 -7.81 7.63 15.16
CA GLU A 257 -7.48 6.30 15.66
C GLU A 257 -6.19 6.31 16.48
N VAL A 258 -6.10 5.39 17.44
CA VAL A 258 -4.93 5.27 18.30
C VAL A 258 -4.05 4.23 17.65
N GLY A 259 -3.07 4.66 16.86
CA GLY A 259 -2.25 3.70 16.16
C GLY A 259 -3.24 3.02 15.24
N THR A 260 -3.26 1.69 15.21
CA THR A 260 -4.20 1.01 14.34
C THR A 260 -5.31 0.33 15.15
N MET A 261 -5.87 1.09 16.10
CA MET A 261 -6.96 0.64 16.95
C MET A 261 -7.95 1.80 16.98
N ASN A 262 -9.23 1.48 17.07
CA ASN A 262 -10.25 2.51 17.12
C ASN A 262 -10.17 3.25 18.45
N LEU A 263 -10.53 4.53 18.42
CA LEU A 263 -10.44 5.41 19.58
C LEU A 263 -11.73 5.73 20.33
N PHE A 264 -11.72 5.48 21.64
CA PHE A 264 -12.87 5.77 22.49
C PHE A 264 -12.51 6.78 23.58
N LEU A 265 -13.43 7.71 23.84
CA LEU A 265 -13.22 8.75 24.85
C LEU A 265 -14.40 8.86 25.82
N TYR A 266 -14.25 8.30 27.01
CA TYR A 266 -15.29 8.32 28.04
C TYR A 266 -15.21 9.66 28.79
N TRP A 267 -16.26 10.47 28.69
CA TRP A 267 -16.21 11.79 29.34
C TRP A 267 -17.55 12.50 29.53
N ILE A 268 -17.43 13.73 30.01
CA ILE A 268 -18.56 14.63 30.23
C ILE A 268 -18.43 15.58 29.04
N ASN A 269 -19.37 15.49 28.10
CA ASN A 269 -19.33 16.35 26.92
C ASN A 269 -19.63 17.81 27.21
N GLU A 270 -19.63 18.63 26.17
CA GLU A 270 -19.89 20.05 26.30
C GLU A 270 -21.25 20.37 26.93
N ASP A 271 -22.10 19.34 27.06
CA ASP A 271 -23.42 19.51 27.64
C ASP A 271 -23.54 19.00 29.07
N GLY A 272 -22.42 18.56 29.64
CA GLY A 272 -22.44 18.07 31.01
C GLY A 272 -22.99 16.66 31.12
N GLU A 273 -23.06 15.96 30.00
CA GLU A 273 -23.58 14.60 30.00
C GLU A 273 -22.47 13.57 29.95
N GLU A 274 -22.65 12.48 30.70
CA GLU A 274 -21.71 11.39 30.71
C GLU A 274 -21.82 10.84 29.28
N GLU A 275 -20.70 10.54 28.63
CA GLU A 275 -20.74 10.07 27.26
C GLU A 275 -19.56 9.21 26.83
N LEU A 276 -19.83 8.24 25.97
CA LEU A 276 -18.80 7.36 25.43
C LEU A 276 -18.73 7.78 23.97
N ALA A 277 -17.66 8.48 23.60
CA ALA A 277 -17.52 8.96 22.24
C ALA A 277 -16.47 8.22 21.44
N THR A 278 -16.67 8.20 20.12
CA THR A 278 -15.77 7.54 19.17
C THR A 278 -16.06 8.10 17.77
N PRO A 279 -15.03 8.34 16.97
CA PRO A 279 -15.23 8.88 15.63
C PRO A 279 -16.21 8.07 14.77
N PRO A 280 -16.96 8.76 13.89
CA PRO A 280 -17.93 8.11 13.01
C PRO A 280 -17.26 7.54 11.75
N LEU A 281 -17.91 6.57 11.12
CA LEU A 281 -17.41 5.94 9.91
C LEU A 281 -17.68 6.83 8.69
N ASP A 282 -16.93 7.92 8.58
CA ASP A 282 -17.09 8.85 7.46
C ASP A 282 -16.05 8.61 6.38
N GLY A 283 -15.47 7.41 6.36
CA GLY A 283 -14.50 7.08 5.33
C GLY A 283 -13.04 6.96 5.75
N ILE A 284 -12.67 7.60 6.87
CA ILE A 284 -11.27 7.55 7.32
C ILE A 284 -11.03 6.71 8.57
N ILE A 285 -12.05 6.01 9.04
CA ILE A 285 -11.92 5.15 10.21
C ILE A 285 -12.26 3.73 9.81
N LEU A 286 -11.51 2.76 10.32
CA LEU A 286 -11.79 1.38 9.97
C LEU A 286 -12.80 0.77 10.95
N PRO A 287 -13.92 0.26 10.42
CA PRO A 287 -14.94 -0.35 11.29
C PRO A 287 -14.45 -1.62 11.97
N GLY A 288 -13.90 -1.47 13.17
CA GLY A 288 -13.39 -2.60 13.90
C GLY A 288 -14.45 -3.44 14.56
N VAL A 289 -14.21 -4.74 14.64
CA VAL A 289 -15.14 -5.67 15.27
C VAL A 289 -15.26 -5.33 16.76
N THR A 290 -14.14 -4.95 17.36
CA THR A 290 -14.12 -4.61 18.77
C THR A 290 -14.88 -3.32 18.99
N ARG A 291 -14.80 -2.43 18.00
CA ARG A 291 -15.51 -1.15 18.07
C ARG A 291 -17.01 -1.46 18.08
N ARG A 292 -17.47 -2.20 17.09
CA ARG A 292 -18.88 -2.59 16.97
C ARG A 292 -19.39 -3.09 18.32
N CYS A 293 -18.71 -4.10 18.86
CA CYS A 293 -19.11 -4.70 20.12
C CYS A 293 -19.23 -3.70 21.27
N ILE A 294 -18.22 -2.86 21.43
CA ILE A 294 -18.21 -1.86 22.49
C ILE A 294 -19.40 -0.89 22.32
N LEU A 295 -19.80 -0.65 21.09
CA LEU A 295 -20.93 0.25 20.85
C LEU A 295 -22.24 -0.47 21.20
N ASP A 296 -22.30 -1.76 20.88
CA ASP A 296 -23.50 -2.54 21.19
C ASP A 296 -23.64 -2.69 22.70
N LEU A 297 -22.53 -2.96 23.38
CA LEU A 297 -22.56 -3.10 24.84
C LEU A 297 -23.03 -1.79 25.44
N ALA A 298 -22.39 -0.70 25.05
CA ALA A 298 -22.74 0.63 25.56
C ALA A 298 -24.20 0.96 25.33
N HIS A 299 -24.68 0.71 24.13
CA HIS A 299 -26.08 0.99 23.81
C HIS A 299 -26.99 0.09 24.65
N GLN A 300 -26.55 -1.15 24.88
CA GLN A 300 -27.32 -2.12 25.63
C GLN A 300 -27.51 -1.78 27.11
N TRP A 301 -26.40 -1.42 27.79
CA TRP A 301 -26.47 -1.07 29.21
C TRP A 301 -27.28 0.22 29.41
N GLY A 302 -27.23 1.11 28.42
CA GLY A 302 -27.96 2.36 28.51
C GLY A 302 -27.69 3.13 29.79
N GLU A 303 -26.43 3.17 30.22
CA GLU A 303 -26.06 3.89 31.43
C GLU A 303 -25.64 5.33 31.14
N PHE A 304 -25.31 5.60 29.88
CA PHE A 304 -24.89 6.94 29.47
C PHE A 304 -25.06 7.09 27.98
N LYS A 305 -24.86 8.31 27.50
CA LYS A 305 -25.00 8.58 26.07
C LYS A 305 -23.84 7.97 25.28
N VAL A 306 -24.19 7.37 24.14
CA VAL A 306 -23.23 6.75 23.23
C VAL A 306 -23.28 7.57 21.95
N SER A 307 -22.19 8.24 21.61
CA SER A 307 -22.17 9.09 20.43
C SER A 307 -21.01 8.89 19.48
N GLU A 308 -21.35 8.67 18.21
CA GLU A 308 -20.34 8.51 17.17
C GLU A 308 -20.25 9.93 16.61
N ARG A 309 -19.19 10.65 16.96
CA ARG A 309 -19.02 12.04 16.54
C ARG A 309 -17.56 12.46 16.36
N TYR A 310 -17.36 13.71 15.95
CA TYR A 310 -16.02 14.25 15.73
C TYR A 310 -15.39 14.75 17.04
N LEU A 311 -14.16 14.30 17.27
CA LEU A 311 -13.40 14.65 18.45
C LEU A 311 -12.09 15.32 18.04
N THR A 312 -11.83 16.50 18.58
CA THR A 312 -10.60 17.20 18.24
C THR A 312 -9.70 17.38 19.45
N MET A 313 -8.45 17.76 19.20
CA MET A 313 -7.51 17.98 20.29
C MET A 313 -8.04 19.08 21.18
N ASP A 314 -8.62 20.11 20.57
CA ASP A 314 -9.16 21.22 21.34
C ASP A 314 -10.32 20.78 22.23
N ASP A 315 -11.14 19.84 21.75
CA ASP A 315 -12.24 19.33 22.55
C ASP A 315 -11.62 18.56 23.71
N LEU A 316 -10.54 17.85 23.43
CA LEU A 316 -9.85 17.06 24.45
C LEU A 316 -9.16 17.99 25.45
N THR A 317 -8.36 18.94 24.96
CA THR A 317 -7.66 19.87 25.85
C THR A 317 -8.66 20.61 26.72
N THR A 318 -9.63 21.27 26.07
CA THR A 318 -10.66 22.00 26.80
C THR A 318 -11.27 21.13 27.91
N ALA A 319 -11.56 19.87 27.57
CA ALA A 319 -12.14 18.93 28.52
C ALA A 319 -11.17 18.62 29.65
N LEU A 320 -9.92 18.31 29.30
CA LEU A 320 -8.93 18.00 30.33
C LEU A 320 -8.74 19.16 31.30
N GLU A 321 -8.63 20.38 30.79
CA GLU A 321 -8.48 21.52 31.66
C GLU A 321 -9.87 21.94 32.09
N GLY A 322 -10.58 21.00 32.69
CA GLY A 322 -11.93 21.22 33.16
C GLY A 322 -12.35 19.99 33.93
N ASN A 323 -11.46 19.00 33.99
CA ASN A 323 -11.71 17.76 34.70
C ASN A 323 -12.91 16.99 34.16
N ARG A 324 -13.12 17.08 32.85
CA ARG A 324 -14.24 16.41 32.19
C ARG A 324 -13.93 15.06 31.56
N VAL A 325 -12.65 14.70 31.50
CA VAL A 325 -12.24 13.42 30.91
C VAL A 325 -12.13 12.28 31.95
N ARG A 326 -12.68 11.13 31.61
CA ARG A 326 -12.63 9.97 32.51
C ARG A 326 -11.61 8.96 32.01
N GLU A 327 -11.78 8.54 30.75
CA GLU A 327 -10.90 7.56 30.16
C GLU A 327 -10.77 7.73 28.65
N MET A 328 -9.68 7.17 28.13
CA MET A 328 -9.41 7.15 26.69
C MET A 328 -8.80 5.79 26.44
N PHE A 329 -9.19 5.14 25.35
CA PHE A 329 -8.62 3.84 25.06
C PHE A 329 -8.87 3.40 23.63
N GLY A 330 -7.97 2.56 23.13
CA GLY A 330 -8.11 2.05 21.78
C GLY A 330 -8.68 0.63 21.83
N SER A 331 -9.38 0.23 20.78
CA SER A 331 -9.97 -1.09 20.73
C SER A 331 -9.43 -1.79 19.51
N GLY A 332 -9.30 -3.11 19.59
CA GLY A 332 -8.81 -3.90 18.48
C GLY A 332 -8.77 -5.36 18.88
N THR A 333 -8.48 -6.24 17.94
CA THR A 333 -8.44 -7.66 18.26
C THR A 333 -7.25 -8.09 19.13
N ALA A 334 -6.09 -7.51 18.88
CA ALA A 334 -4.88 -7.85 19.64
C ALA A 334 -4.86 -7.40 21.10
N CYS A 335 -5.36 -6.20 21.38
CA CYS A 335 -5.37 -5.69 22.76
C CYS A 335 -6.76 -5.79 23.38
N VAL A 336 -7.77 -5.90 22.53
CA VAL A 336 -9.16 -5.94 22.97
C VAL A 336 -9.42 -4.52 23.46
N VAL A 337 -8.66 -4.08 24.46
CA VAL A 337 -8.78 -2.72 24.97
C VAL A 337 -7.41 -2.25 25.43
N CYS A 338 -7.04 -1.02 25.09
CA CYS A 338 -5.74 -0.49 25.45
C CYS A 338 -5.83 0.94 26.00
N PRO A 339 -5.58 1.11 27.31
CA PRO A 339 -5.64 2.43 27.95
C PRO A 339 -4.60 3.43 27.47
N VAL A 340 -5.02 4.68 27.33
CA VAL A 340 -4.11 5.76 26.92
C VAL A 340 -3.90 6.64 28.14
N SER A 341 -2.65 6.95 28.46
CA SER A 341 -2.39 7.79 29.62
C SER A 341 -1.73 9.12 29.31
N ASP A 342 -1.20 9.26 28.09
CA ASP A 342 -0.55 10.51 27.69
C ASP A 342 -0.54 10.72 26.18
N ILE A 343 -0.44 11.99 25.78
CA ILE A 343 -0.39 12.36 24.37
C ILE A 343 0.63 13.49 24.22
N LEU A 344 1.66 13.26 23.40
CA LEU A 344 2.68 14.27 23.15
C LEU A 344 2.23 15.11 21.97
N TYR A 345 1.87 16.36 22.26
CA TYR A 345 1.34 17.28 21.26
C TYR A 345 1.95 18.68 21.36
N LYS A 346 2.51 19.15 20.25
CA LYS A 346 3.12 20.48 20.23
C LYS A 346 4.16 20.67 21.34
N GLY A 347 5.13 19.76 21.39
CA GLY A 347 6.20 19.82 22.37
C GLY A 347 5.76 19.70 23.82
N GLU A 348 4.47 19.59 24.03
CA GLU A 348 3.91 19.50 25.37
C GLU A 348 3.37 18.10 25.66
N THR A 349 3.54 17.63 26.90
CA THR A 349 3.04 16.31 27.29
C THR A 349 1.72 16.51 28.01
N ILE A 350 0.68 15.87 27.49
CA ILE A 350 -0.66 15.98 28.07
C ILE A 350 -1.09 14.66 28.71
N HIS A 351 -1.21 14.67 30.03
CA HIS A 351 -1.59 13.46 30.74
C HIS A 351 -3.09 13.21 30.69
N ILE A 352 -3.45 11.94 30.51
CA ILE A 352 -4.84 11.53 30.44
C ILE A 352 -5.05 10.68 31.69
N PRO A 353 -5.96 11.12 32.58
CA PRO A 353 -6.30 10.46 33.86
C PRO A 353 -7.00 9.10 33.77
N THR A 354 -6.88 8.45 32.61
CA THR A 354 -7.48 7.14 32.36
C THR A 354 -7.23 6.14 33.48
N MET A 355 -5.98 6.09 33.94
CA MET A 355 -5.61 5.15 34.99
C MET A 355 -6.08 5.61 36.36
N GLU A 356 -6.24 6.92 36.52
CA GLU A 356 -6.70 7.45 37.80
C GLU A 356 -8.23 7.40 37.88
N ASN A 357 -8.86 6.55 37.08
CA ASN A 357 -10.31 6.40 37.11
C ASN A 357 -10.65 4.94 36.90
N GLY A 358 -9.83 4.07 37.48
CA GLY A 358 -10.05 2.64 37.38
C GLY A 358 -8.95 1.98 36.60
N PRO A 359 -9.05 1.96 35.26
CA PRO A 359 -10.18 2.53 34.52
C PRO A 359 -11.42 1.63 34.58
N LYS A 360 -12.51 2.15 35.16
CA LYS A 360 -13.76 1.41 35.29
C LYS A 360 -14.41 0.93 33.98
N LEU A 361 -14.57 1.83 33.01
CA LEU A 361 -15.18 1.43 31.74
C LEU A 361 -14.28 0.46 30.98
N ALA A 362 -13.04 0.89 30.75
CA ALA A 362 -12.07 0.06 30.03
C ALA A 362 -12.05 -1.36 30.60
N SER A 363 -11.87 -1.47 31.92
CA SER A 363 -11.83 -2.78 32.57
C SER A 363 -13.14 -3.54 32.40
N ARG A 364 -14.26 -2.85 32.55
CA ARG A 364 -15.58 -3.49 32.41
C ARG A 364 -15.71 -4.10 31.02
N ILE A 365 -15.23 -3.38 30.01
CA ILE A 365 -15.30 -3.85 28.64
C ILE A 365 -14.43 -5.09 28.47
N LEU A 366 -13.21 -5.02 29.00
CA LEU A 366 -12.28 -6.13 28.89
C LEU A 366 -12.90 -7.39 29.49
N SER A 367 -13.38 -7.29 30.73
CA SER A 367 -13.99 -8.42 31.41
C SER A 367 -15.10 -9.02 30.57
N LYS A 368 -16.02 -8.15 30.15
CA LYS A 368 -17.16 -8.56 29.36
C LYS A 368 -16.74 -9.32 28.09
N LEU A 369 -15.93 -8.69 27.25
CA LEU A 369 -15.49 -9.33 26.02
C LEU A 369 -14.76 -10.64 26.29
N THR A 370 -13.90 -10.65 27.31
CA THR A 370 -13.13 -11.84 27.63
C THR A 370 -14.00 -12.94 28.22
N ASP A 371 -14.98 -12.56 29.05
CA ASP A 371 -15.87 -13.56 29.64
C ASP A 371 -16.58 -14.28 28.51
N ILE A 372 -16.98 -13.51 27.50
CA ILE A 372 -17.68 -14.07 26.34
C ILE A 372 -16.79 -14.92 25.43
N GLN A 373 -15.58 -14.43 25.14
CA GLN A 373 -14.65 -15.14 24.27
C GLN A 373 -14.20 -16.49 24.83
N TYR A 374 -14.00 -16.55 26.14
CA TYR A 374 -13.56 -17.78 26.78
C TYR A 374 -14.69 -18.65 27.34
N GLY A 375 -15.88 -18.50 26.78
CA GLY A 375 -17.01 -19.30 27.22
C GLY A 375 -17.56 -19.10 28.62
N ARG A 376 -16.98 -18.18 29.38
CA ARG A 376 -17.45 -17.91 30.74
C ARG A 376 -18.86 -17.31 30.70
N GLU A 377 -19.17 -16.63 29.60
CA GLU A 377 -20.48 -16.04 29.43
C GLU A 377 -20.99 -16.51 28.08
N GLU A 378 -22.22 -17.02 28.05
CA GLU A 378 -22.81 -17.52 26.82
C GLU A 378 -23.50 -16.39 26.06
N ARG A 379 -23.20 -16.30 24.77
CA ARG A 379 -23.78 -15.28 23.91
C ARG A 379 -23.61 -15.68 22.45
N ASP A 380 -24.45 -15.10 21.59
CA ASP A 380 -24.43 -15.38 20.16
C ASP A 380 -23.14 -14.94 19.46
N TRP A 381 -22.40 -14.02 20.07
CA TRP A 381 -21.16 -13.54 19.47
C TRP A 381 -20.08 -14.58 19.22
N THR A 382 -20.31 -15.82 19.66
CA THR A 382 -19.31 -16.86 19.43
C THR A 382 -19.85 -18.09 18.73
N ILE A 383 -18.92 -18.85 18.16
CA ILE A 383 -19.23 -20.08 17.45
C ILE A 383 -18.29 -21.13 18.01
N VAL A 384 -18.85 -22.24 18.48
CA VAL A 384 -18.02 -23.30 19.03
C VAL A 384 -17.55 -24.19 17.90
N LEU A 385 -16.57 -25.03 18.18
CA LEU A 385 -16.05 -25.93 17.16
C LEU A 385 -15.84 -27.33 17.72
N THR B 24 26.37 -1.84 3.91
CA THR B 24 25.94 -1.87 2.47
C THR B 24 26.71 -2.92 1.66
N PHE B 25 26.05 -3.47 0.63
CA PHE B 25 26.67 -4.47 -0.23
C PHE B 25 27.54 -3.79 -1.27
N LYS B 26 28.41 -4.57 -1.91
CA LYS B 26 29.28 -4.04 -2.94
C LYS B 26 29.25 -4.87 -4.24
N ALA B 27 29.28 -4.17 -5.36
CA ALA B 27 29.25 -4.79 -6.67
C ALA B 27 30.43 -5.73 -6.83
N LYS B 28 31.56 -5.32 -6.25
CA LYS B 28 32.77 -6.12 -6.33
C LYS B 28 32.53 -7.53 -5.83
N ASP B 29 31.50 -7.73 -5.00
CA ASP B 29 31.22 -9.06 -4.45
C ASP B 29 30.19 -9.85 -5.24
N LEU B 30 29.75 -9.32 -6.37
CA LEU B 30 28.75 -10.01 -7.17
C LEU B 30 29.09 -11.48 -7.38
N ILE B 31 28.06 -12.32 -7.31
CA ILE B 31 28.23 -13.75 -7.54
C ILE B 31 27.27 -14.04 -8.69
N VAL B 32 27.83 -14.50 -9.81
CA VAL B 32 27.07 -14.77 -11.02
C VAL B 32 26.76 -16.24 -11.28
N THR B 33 25.50 -16.54 -11.56
CA THR B 33 25.04 -17.89 -11.84
C THR B 33 24.21 -17.86 -13.13
N PRO B 34 24.88 -17.87 -14.29
CA PRO B 34 24.19 -17.82 -15.59
C PRO B 34 23.18 -18.93 -15.82
N ALA B 35 22.12 -18.59 -16.55
CA ALA B 35 21.11 -19.57 -16.87
C ALA B 35 21.78 -20.55 -17.83
N THR B 36 21.34 -21.81 -17.83
CA THR B 36 21.95 -22.79 -18.73
C THR B 36 21.16 -22.89 -20.02
N ILE B 37 19.99 -22.26 -20.03
CA ILE B 37 19.12 -22.24 -21.19
C ILE B 37 18.53 -20.83 -21.34
N LEU B 38 19.03 -20.09 -22.33
CA LEU B 38 18.57 -18.72 -22.57
C LEU B 38 17.29 -18.66 -23.39
N LYS B 39 16.43 -17.68 -23.09
CA LYS B 39 15.18 -17.54 -23.82
C LYS B 39 15.32 -16.77 -25.11
N GLU B 40 14.35 -16.96 -25.99
CA GLU B 40 14.29 -16.29 -27.27
C GLU B 40 13.78 -14.87 -27.07
N LYS B 41 14.53 -13.90 -27.58
CA LYS B 41 14.16 -12.49 -27.48
C LYS B 41 12.87 -12.26 -28.28
N PRO B 42 11.90 -11.53 -27.69
CA PRO B 42 10.59 -11.21 -28.30
C PRO B 42 10.59 -10.24 -29.47
N ASP B 43 9.42 -10.10 -30.11
CA ASP B 43 9.24 -9.20 -31.24
C ASP B 43 9.05 -7.77 -30.76
N PRO B 44 9.97 -6.85 -31.12
CA PRO B 44 9.96 -5.43 -30.74
C PRO B 44 8.71 -4.64 -31.14
N ASN B 45 8.10 -5.01 -32.27
CA ASN B 45 6.93 -4.30 -32.77
C ASN B 45 5.63 -4.41 -31.99
N ASN B 46 5.46 -5.47 -31.22
CA ASN B 46 4.23 -5.59 -30.43
C ASN B 46 4.49 -6.20 -29.06
N LEU B 47 4.91 -5.35 -28.13
CA LEU B 47 5.20 -5.77 -26.78
C LEU B 47 4.25 -5.14 -25.77
N VAL B 48 3.65 -5.99 -24.94
CA VAL B 48 2.76 -5.50 -23.90
C VAL B 48 3.68 -5.15 -22.73
N PHE B 49 3.55 -3.94 -22.23
CA PHE B 49 4.39 -3.45 -21.13
C PHE B 49 4.57 -4.40 -19.95
N GLY B 50 5.83 -4.63 -19.58
CA GLY B 50 6.17 -5.48 -18.44
C GLY B 50 5.58 -6.87 -18.35
N THR B 51 5.51 -7.59 -19.47
CA THR B 51 4.96 -8.94 -19.46
C THR B 51 6.03 -9.95 -19.83
N VAL B 52 6.99 -9.52 -20.62
CA VAL B 52 8.08 -10.41 -21.00
C VAL B 52 9.29 -10.05 -20.16
N PHE B 53 9.91 -11.06 -19.56
CA PHE B 53 11.08 -10.82 -18.71
C PHE B 53 12.33 -11.49 -19.29
N THR B 54 13.50 -10.94 -18.95
CA THR B 54 14.77 -11.45 -19.45
C THR B 54 15.25 -12.72 -18.74
N ASP B 55 16.47 -13.15 -19.06
CA ASP B 55 17.02 -14.38 -18.48
C ASP B 55 17.55 -14.28 -17.04
N HIS B 56 18.02 -13.09 -16.67
CA HIS B 56 18.59 -12.89 -15.34
C HIS B 56 17.92 -11.80 -14.52
N MET B 57 18.13 -11.90 -13.21
CA MET B 57 17.59 -10.94 -12.25
C MET B 57 18.69 -10.70 -11.24
N LEU B 58 18.54 -9.64 -10.45
CA LEU B 58 19.50 -9.29 -9.41
C LEU B 58 18.81 -9.50 -8.06
N THR B 59 19.54 -10.04 -7.09
CA THR B 59 18.98 -10.25 -5.75
C THR B 59 20.02 -10.02 -4.64
N VAL B 60 19.60 -9.28 -3.62
CA VAL B 60 20.46 -9.02 -2.47
C VAL B 60 19.61 -9.11 -1.21
N GLU B 61 20.02 -10.00 -0.31
CA GLU B 61 19.32 -10.22 0.95
C GLU B 61 19.88 -9.38 2.08
N TRP B 62 18.99 -8.99 3.00
CA TRP B 62 19.38 -8.20 4.15
C TRP B 62 18.69 -8.69 5.41
N SER B 63 19.41 -8.56 6.53
CA SER B 63 18.90 -8.95 7.83
C SER B 63 19.50 -7.97 8.81
N SER B 64 18.69 -7.44 9.72
CA SER B 64 19.18 -6.49 10.71
C SER B 64 20.31 -7.11 11.52
N GLU B 65 20.25 -8.43 11.69
CA GLU B 65 21.25 -9.16 12.44
C GLU B 65 22.63 -9.16 11.76
N PHE B 66 22.70 -9.54 10.48
CA PHE B 66 23.99 -9.58 9.79
C PHE B 66 24.14 -8.55 8.68
N GLY B 67 23.19 -7.63 8.56
CA GLY B 67 23.27 -6.63 7.52
C GLY B 67 23.07 -7.23 6.14
N TRP B 68 23.71 -6.63 5.14
CA TRP B 68 23.60 -7.09 3.76
C TRP B 68 24.45 -8.29 3.41
N GLU B 69 23.87 -9.21 2.64
CA GLU B 69 24.60 -10.38 2.18
C GLU B 69 25.13 -9.98 0.80
N LYS B 70 25.94 -10.84 0.19
CA LYS B 70 26.49 -10.54 -1.13
C LYS B 70 25.41 -10.59 -2.22
N PRO B 71 25.45 -9.64 -3.17
CA PRO B 71 24.50 -9.56 -4.29
C PRO B 71 24.66 -10.69 -5.30
N HIS B 72 23.54 -11.14 -5.87
CA HIS B 72 23.54 -12.23 -6.85
C HIS B 72 22.90 -11.86 -8.19
N ILE B 73 23.42 -12.46 -9.25
CA ILE B 73 22.87 -12.30 -10.59
C ILE B 73 22.66 -13.76 -10.94
N LYS B 74 21.39 -14.17 -10.93
CA LYS B 74 21.03 -15.55 -11.20
C LYS B 74 19.84 -15.61 -12.15
N PRO B 75 19.54 -16.80 -12.68
CA PRO B 75 18.43 -16.97 -13.62
C PRO B 75 17.12 -16.41 -13.04
N LEU B 76 16.30 -15.83 -13.90
CA LEU B 76 15.02 -15.29 -13.47
C LEU B 76 14.26 -16.46 -12.86
N GLN B 77 13.94 -16.34 -11.57
CA GLN B 77 13.24 -17.39 -10.86
C GLN B 77 12.20 -16.81 -9.89
N ASN B 78 11.39 -17.69 -9.32
CA ASN B 78 10.37 -17.28 -8.36
C ASN B 78 11.07 -16.96 -7.05
N LEU B 79 10.51 -16.01 -6.30
CA LEU B 79 11.07 -15.65 -5.01
C LEU B 79 10.48 -16.60 -3.98
N SER B 80 11.25 -16.93 -2.95
CA SER B 80 10.75 -17.81 -1.90
C SER B 80 10.56 -16.91 -0.69
N LEU B 81 9.30 -16.65 -0.35
CA LEU B 81 8.99 -15.76 0.77
C LEU B 81 8.16 -16.37 1.88
N HIS B 82 8.53 -16.07 3.12
CA HIS B 82 7.77 -16.55 4.26
C HIS B 82 6.41 -15.87 4.14
N PRO B 83 5.31 -16.65 4.22
CA PRO B 83 3.96 -16.12 4.10
C PRO B 83 3.65 -14.93 5.00
N GLY B 84 4.52 -14.66 5.96
CA GLY B 84 4.31 -13.53 6.85
C GLY B 84 5.06 -12.26 6.48
N SER B 85 5.85 -12.32 5.39
CA SER B 85 6.63 -11.17 4.94
C SER B 85 5.79 -9.90 4.94
N SER B 86 6.25 -8.90 5.68
CA SER B 86 5.53 -7.64 5.80
C SER B 86 5.12 -7.00 4.49
N ALA B 87 5.84 -7.28 3.41
CA ALA B 87 5.45 -6.71 2.12
C ALA B 87 4.07 -7.21 1.68
N LEU B 88 3.69 -8.41 2.12
CA LEU B 88 2.40 -8.99 1.73
C LEU B 88 1.25 -8.55 2.63
N HIS B 89 1.58 -8.18 3.86
CA HIS B 89 0.57 -7.77 4.83
C HIS B 89 0.42 -6.26 5.01
N TYR B 90 1.55 -5.56 5.14
CA TYR B 90 1.53 -4.12 5.39
C TYR B 90 2.16 -3.27 4.31
N ALA B 91 2.23 -3.81 3.10
CA ALA B 91 2.81 -3.10 1.96
C ALA B 91 4.16 -2.43 2.23
N VAL B 92 5.04 -3.12 2.96
CA VAL B 92 6.36 -2.59 3.24
C VAL B 92 7.14 -2.84 1.95
N GLU B 93 7.03 -1.94 0.99
CA GLU B 93 7.68 -2.13 -0.30
C GLU B 93 7.74 -0.84 -1.10
N LEU B 94 8.68 -0.78 -2.05
CA LEU B 94 8.82 0.39 -2.94
C LEU B 94 9.51 -0.08 -4.21
N PHE B 95 9.43 0.71 -5.27
CA PHE B 95 10.02 0.33 -6.56
C PHE B 95 10.51 1.52 -7.37
N GLU B 96 11.16 1.22 -8.49
CA GLU B 96 11.66 2.25 -9.40
C GLU B 96 11.41 1.88 -10.85
N GLY B 97 11.57 2.87 -11.73
CA GLY B 97 11.39 2.66 -13.17
C GLY B 97 12.43 3.43 -13.97
N LEU B 98 13.29 2.72 -14.68
CA LEU B 98 14.30 3.36 -15.53
C LEU B 98 14.62 2.47 -16.72
N LYS B 99 15.13 3.09 -17.80
CA LYS B 99 15.40 2.34 -19.01
C LYS B 99 16.82 2.32 -19.56
N ALA B 100 17.06 1.32 -20.41
CA ALA B 100 18.33 1.14 -21.10
C ALA B 100 17.98 1.25 -22.59
N PHE B 101 18.74 2.06 -23.30
CA PHE B 101 18.49 2.26 -24.72
C PHE B 101 19.73 1.90 -25.55
N ARG B 102 19.49 1.27 -26.69
CA ARG B 102 20.57 0.90 -27.60
C ARG B 102 20.75 2.06 -28.57
N GLY B 103 21.78 2.87 -28.35
CA GLY B 103 22.04 4.01 -29.22
C GLY B 103 22.16 3.65 -30.68
N VAL B 104 21.83 4.59 -31.56
CA VAL B 104 21.91 4.38 -33.00
C VAL B 104 23.35 4.08 -33.41
N ASP B 105 24.28 4.22 -32.47
CA ASP B 105 25.68 3.93 -32.71
C ASP B 105 25.99 2.59 -32.06
N ASN B 106 24.91 1.89 -31.74
CA ASN B 106 24.92 0.57 -31.13
C ASN B 106 25.52 0.48 -29.74
N LYS B 107 25.61 1.60 -29.05
CA LYS B 107 26.12 1.62 -27.69
C LYS B 107 24.91 1.72 -26.76
N ILE B 108 24.87 0.90 -25.72
CA ILE B 108 23.76 0.91 -24.78
C ILE B 108 23.93 1.98 -23.71
N ARG B 109 22.87 2.79 -23.50
CA ARG B 109 22.92 3.86 -22.52
C ARG B 109 21.80 3.85 -21.49
N LEU B 110 22.05 4.56 -20.39
CA LEU B 110 21.07 4.68 -19.32
C LEU B 110 20.73 6.16 -19.24
N PHE B 111 19.49 6.47 -18.90
CA PHE B 111 19.03 7.84 -18.84
C PHE B 111 18.83 8.34 -17.41
N GLN B 112 19.62 9.33 -17.01
CA GLN B 112 19.53 9.91 -15.66
C GLN B 112 19.42 8.86 -14.54
N PRO B 113 20.15 7.74 -14.66
CA PRO B 113 20.10 6.68 -13.64
C PRO B 113 20.35 7.09 -12.20
N ASN B 114 21.27 8.02 -11.98
CA ASN B 114 21.52 8.43 -10.60
C ASN B 114 20.36 9.17 -9.96
N LEU B 115 19.43 9.69 -10.76
CA LEU B 115 18.27 10.36 -10.16
C LEU B 115 17.33 9.30 -9.61
N ASN B 116 17.29 8.14 -10.26
CA ASN B 116 16.43 7.05 -9.79
C ASN B 116 16.98 6.47 -8.50
N MET B 117 18.31 6.32 -8.45
CA MET B 117 18.96 5.80 -7.26
C MET B 117 18.64 6.72 -6.08
N ASP B 118 18.68 8.02 -6.31
CA ASP B 118 18.39 8.99 -5.23
C ASP B 118 16.94 8.93 -4.76
N ARG B 119 16.02 8.72 -5.68
CA ARG B 119 14.61 8.65 -5.31
C ARG B 119 14.36 7.36 -4.55
N MET B 120 14.88 6.26 -5.10
CA MET B 120 14.69 4.97 -4.43
C MET B 120 15.29 4.99 -3.02
N TYR B 121 16.37 5.75 -2.85
CA TYR B 121 17.03 5.81 -1.55
C TYR B 121 16.18 6.58 -0.55
N ARG B 122 15.62 7.71 -0.97
CA ARG B 122 14.78 8.52 -0.08
C ARG B 122 13.49 7.80 0.25
N SER B 123 12.97 7.02 -0.68
CA SER B 123 11.75 6.28 -0.41
C SER B 123 12.04 5.16 0.58
N ALA B 124 13.22 4.56 0.46
CA ALA B 124 13.61 3.48 1.36
C ALA B 124 13.58 3.98 2.81
N VAL B 125 14.15 5.15 3.03
CA VAL B 125 14.18 5.78 4.34
C VAL B 125 12.77 6.06 4.87
N ARG B 126 11.91 6.60 4.01
CA ARG B 126 10.54 6.92 4.43
C ARG B 126 9.74 5.64 4.66
N ALA B 127 10.25 4.52 4.16
CA ALA B 127 9.60 3.22 4.30
C ALA B 127 10.20 2.43 5.45
N THR B 128 11.28 2.97 6.01
CA THR B 128 12.05 2.36 7.09
C THR B 128 12.75 1.09 6.61
N LEU B 129 12.97 1.00 5.30
CA LEU B 129 13.70 -0.14 4.74
C LEU B 129 15.20 0.17 4.91
N PRO B 130 16.05 -0.86 4.82
CA PRO B 130 17.49 -0.67 4.97
C PRO B 130 18.13 0.17 3.87
N VAL B 131 19.04 1.07 4.23
CA VAL B 131 19.71 1.91 3.24
C VAL B 131 20.79 1.10 2.49
N PHE B 132 21.23 1.64 1.37
CA PHE B 132 22.22 0.96 0.55
C PHE B 132 23.06 2.01 -0.13
N ASP B 133 24.23 1.63 -0.60
CA ASP B 133 25.12 2.56 -1.29
C ASP B 133 24.66 2.71 -2.75
N LYS B 134 24.00 3.83 -3.03
CA LYS B 134 23.48 4.13 -4.37
C LYS B 134 24.37 3.72 -5.53
N GLU B 135 25.67 3.98 -5.42
CA GLU B 135 26.61 3.64 -6.48
C GLU B 135 26.82 2.14 -6.61
N GLU B 136 26.69 1.41 -5.51
CA GLU B 136 26.87 -0.04 -5.58
C GLU B 136 25.68 -0.67 -6.29
N LEU B 137 24.49 -0.11 -6.08
CA LEU B 137 23.27 -0.63 -6.69
C LEU B 137 23.34 -0.35 -8.19
N LEU B 138 23.66 0.88 -8.55
CA LEU B 138 23.75 1.27 -9.95
C LEU B 138 24.74 0.40 -10.72
N GLU B 139 25.89 0.14 -10.10
CA GLU B 139 26.91 -0.68 -10.74
C GLU B 139 26.37 -2.11 -10.90
N CYS B 140 25.67 -2.62 -9.89
CA CYS B 140 25.12 -3.97 -9.97
C CYS B 140 24.13 -4.05 -11.10
N ILE B 141 23.26 -3.04 -11.18
CA ILE B 141 22.27 -3.00 -12.22
C ILE B 141 22.95 -2.97 -13.59
N GLN B 142 24.00 -2.17 -13.72
CA GLN B 142 24.70 -2.10 -15.00
C GLN B 142 25.21 -3.49 -15.39
N GLN B 143 25.72 -4.23 -14.41
CA GLN B 143 26.23 -5.56 -14.68
C GLN B 143 25.13 -6.51 -15.10
N LEU B 144 23.96 -6.36 -14.47
CA LEU B 144 22.84 -7.21 -14.81
C LEU B 144 22.43 -6.90 -16.25
N VAL B 145 22.40 -5.61 -16.58
CA VAL B 145 22.02 -5.21 -17.93
C VAL B 145 23.06 -5.69 -18.92
N LYS B 146 24.34 -5.53 -18.55
CA LYS B 146 25.42 -5.98 -19.42
C LYS B 146 25.30 -7.48 -19.73
N LEU B 147 25.01 -8.29 -18.72
CA LEU B 147 24.87 -9.73 -18.95
C LEU B 147 23.72 -10.03 -19.91
N ASP B 148 22.60 -9.36 -19.70
CA ASP B 148 21.42 -9.55 -20.56
C ASP B 148 21.30 -8.53 -21.69
N GLN B 149 22.38 -7.81 -21.96
CA GLN B 149 22.41 -6.78 -22.99
C GLN B 149 21.67 -7.09 -24.28
N GLU B 150 21.76 -8.31 -24.77
CA GLU B 150 21.08 -8.63 -26.02
C GLU B 150 19.59 -8.49 -25.93
N TRP B 151 19.09 -8.22 -24.73
CA TRP B 151 17.65 -8.03 -24.54
C TRP B 151 17.31 -6.57 -24.82
N VAL B 152 18.30 -5.68 -24.74
CA VAL B 152 18.04 -4.28 -25.04
C VAL B 152 17.71 -4.30 -26.53
N PRO B 153 16.43 -4.18 -26.86
CA PRO B 153 15.97 -4.19 -28.25
C PRO B 153 16.79 -3.44 -29.29
N TYR B 154 16.74 -3.97 -30.50
CA TYR B 154 17.42 -3.40 -31.66
C TYR B 154 16.30 -2.63 -32.36
N SER B 155 15.89 -1.53 -31.73
CA SER B 155 14.82 -0.70 -32.22
C SER B 155 15.01 0.70 -31.64
N THR B 156 14.60 1.72 -32.38
CA THR B 156 14.72 3.09 -31.92
C THR B 156 13.41 3.52 -31.27
N SER B 157 12.44 2.62 -31.25
CA SER B 157 11.14 2.91 -30.64
C SER B 157 10.81 1.89 -29.55
N ALA B 158 11.85 1.23 -29.05
CA ALA B 158 11.71 0.22 -28.00
C ALA B 158 12.90 0.35 -27.05
N SER B 159 12.78 -0.23 -25.86
CA SER B 159 13.85 -0.14 -24.89
C SER B 159 13.74 -1.28 -23.88
N LEU B 160 14.61 -1.26 -22.87
CA LEU B 160 14.58 -2.28 -21.83
C LEU B 160 14.25 -1.62 -20.50
N TYR B 161 13.09 -1.97 -19.96
CA TYR B 161 12.62 -1.41 -18.70
C TYR B 161 13.37 -2.10 -17.57
N ILE B 162 13.84 -1.29 -16.64
CA ILE B 162 14.57 -1.82 -15.49
C ILE B 162 13.74 -1.56 -14.26
N ARG B 163 13.43 -2.63 -13.53
CA ARG B 163 12.61 -2.52 -12.36
C ARG B 163 13.26 -2.92 -11.02
N PRO B 164 13.85 -1.93 -10.33
CA PRO B 164 14.48 -2.20 -9.03
C PRO B 164 13.30 -2.31 -8.05
N THR B 165 13.32 -3.30 -7.17
CA THR B 165 12.23 -3.48 -6.22
C THR B 165 12.79 -3.81 -4.83
N PHE B 166 12.16 -3.25 -3.80
CA PHE B 166 12.62 -3.39 -2.42
C PHE B 166 11.48 -3.84 -1.52
N ILE B 167 11.52 -5.07 -1.01
CA ILE B 167 10.45 -5.55 -0.15
C ILE B 167 10.86 -5.98 1.27
N GLY B 168 9.99 -5.75 2.23
CA GLY B 168 10.26 -6.16 3.59
C GLY B 168 9.83 -7.61 3.71
N THR B 169 10.68 -8.46 4.27
CA THR B 169 10.35 -9.87 4.42
C THR B 169 10.29 -10.30 5.87
N GLU B 170 9.98 -9.34 6.73
CA GLU B 170 9.85 -9.61 8.16
C GLU B 170 8.85 -10.77 8.33
N PRO B 171 9.28 -11.87 8.96
CA PRO B 171 8.38 -13.01 9.16
C PRO B 171 7.31 -12.79 10.23
N SER B 172 7.48 -11.80 11.10
CA SER B 172 6.49 -11.56 12.14
C SER B 172 5.31 -10.71 11.67
N LEU B 173 4.14 -10.95 12.25
CA LEU B 173 2.94 -10.21 11.88
C LEU B 173 2.85 -8.87 12.62
N GLY B 174 3.81 -8.61 13.50
CA GLY B 174 3.80 -7.34 14.22
C GLY B 174 4.10 -6.20 13.27
N VAL B 175 3.43 -5.07 13.44
CA VAL B 175 3.64 -3.91 12.57
C VAL B 175 4.83 -3.08 13.02
N LYS B 176 5.98 -3.25 12.37
CA LYS B 176 7.16 -2.49 12.77
C LYS B 176 8.25 -2.48 11.70
N LYS B 177 9.35 -1.81 12.01
CA LYS B 177 10.49 -1.71 11.10
C LYS B 177 10.97 -3.12 10.80
N PRO B 178 11.10 -3.47 9.52
CA PRO B 178 11.55 -4.80 9.13
C PRO B 178 12.99 -5.13 9.53
N THR B 179 13.20 -6.38 9.92
CA THR B 179 14.50 -6.89 10.34
C THR B 179 15.04 -7.83 9.26
N LYS B 180 14.28 -7.99 8.19
CA LYS B 180 14.65 -8.85 7.08
C LYS B 180 14.07 -8.25 5.80
N ALA B 181 14.89 -8.07 4.77
CA ALA B 181 14.41 -7.48 3.53
C ALA B 181 15.14 -7.99 2.29
N LEU B 182 14.49 -7.87 1.15
CA LEU B 182 15.05 -8.29 -0.12
C LEU B 182 15.02 -7.17 -1.16
N LEU B 183 16.13 -7.00 -1.86
CA LEU B 183 16.23 -5.99 -2.91
C LEU B 183 16.52 -6.74 -4.20
N PHE B 184 15.74 -6.49 -5.24
CA PHE B 184 15.96 -7.18 -6.49
C PHE B 184 15.65 -6.31 -7.70
N VAL B 185 16.13 -6.70 -8.87
CA VAL B 185 15.90 -5.95 -10.10
C VAL B 185 15.48 -6.85 -11.25
N LEU B 186 14.44 -6.43 -11.96
CA LEU B 186 13.95 -7.20 -13.10
C LEU B 186 14.15 -6.40 -14.37
N LEU B 187 14.35 -7.11 -15.48
CA LEU B 187 14.53 -6.48 -16.78
C LEU B 187 13.42 -6.98 -17.67
N SER B 188 12.73 -6.05 -18.32
CA SER B 188 11.63 -6.36 -19.19
C SER B 188 11.64 -5.47 -20.43
N PRO B 189 11.83 -6.07 -21.61
CA PRO B 189 11.86 -5.29 -22.86
C PRO B 189 10.49 -4.72 -23.17
N VAL B 190 10.42 -3.39 -23.32
CA VAL B 190 9.14 -2.75 -23.60
C VAL B 190 9.12 -1.86 -24.84
N GLY B 191 7.92 -1.68 -25.39
CA GLY B 191 7.72 -0.82 -26.53
C GLY B 191 6.93 0.34 -25.93
N PRO B 192 5.59 0.33 -26.05
CA PRO B 192 4.72 1.38 -25.49
C PRO B 192 4.02 0.92 -24.20
N TYR B 193 3.66 1.86 -23.32
CA TYR B 193 2.99 1.48 -22.07
C TYR B 193 1.55 1.01 -22.30
N PHE B 194 0.79 1.74 -23.10
CA PHE B 194 -0.60 1.37 -23.37
C PHE B 194 -0.76 0.36 -24.51
N PHE B 199 1.29 8.86 -32.33
CA PHE B 199 0.72 9.08 -30.96
C PHE B 199 -0.66 8.46 -30.78
N ASN B 200 -0.86 7.83 -29.64
CA ASN B 200 -2.13 7.21 -29.32
C ASN B 200 -2.74 7.98 -28.16
N PRO B 201 -3.56 9.01 -28.45
CA PRO B 201 -4.20 9.83 -27.41
C PRO B 201 -5.11 9.00 -26.52
N VAL B 202 -5.31 9.44 -25.28
CA VAL B 202 -6.16 8.73 -24.35
C VAL B 202 -7.22 9.63 -23.74
N SER B 203 -8.30 9.02 -23.28
CA SER B 203 -9.37 9.75 -22.63
C SER B 203 -9.22 9.45 -21.14
N LEU B 204 -9.52 10.44 -20.31
CA LEU B 204 -9.36 10.30 -18.86
C LEU B 204 -10.72 10.34 -18.16
N TRP B 205 -10.84 9.58 -17.07
CA TRP B 205 -12.07 9.57 -16.29
C TRP B 205 -11.87 10.35 -15.00
N ALA B 206 -12.55 11.49 -14.88
CA ALA B 206 -12.44 12.36 -13.71
C ALA B 206 -13.62 12.27 -12.74
N ASN B 207 -13.36 11.74 -11.56
CA ASN B 207 -14.37 11.57 -10.53
C ASN B 207 -13.73 11.94 -9.19
N PRO B 208 -14.12 13.09 -8.63
CA PRO B 208 -13.58 13.55 -7.34
C PRO B 208 -13.85 12.63 -6.15
N LYS B 209 -14.59 11.55 -6.36
CA LYS B 209 -14.90 10.63 -5.26
C LYS B 209 -13.68 9.82 -4.83
N TYR B 210 -12.66 9.75 -5.67
CA TYR B 210 -11.45 9.00 -5.32
C TYR B 210 -10.23 9.92 -5.26
N VAL B 211 -9.38 9.70 -4.26
CA VAL B 211 -8.18 10.50 -4.09
C VAL B 211 -6.98 9.57 -4.10
N ARG B 212 -5.98 9.92 -4.91
CA ARG B 212 -4.77 9.09 -5.03
C ARG B 212 -3.81 9.30 -3.87
N ALA B 213 -3.54 10.55 -3.54
CA ALA B 213 -2.60 10.89 -2.48
C ALA B 213 -3.04 12.18 -1.79
N TRP B 214 -2.62 12.36 -0.55
CA TRP B 214 -3.01 13.53 0.22
C TRP B 214 -1.87 14.15 1.03
N LYS B 215 -2.01 15.42 1.37
CA LYS B 215 -0.99 16.13 2.16
C LYS B 215 -0.76 15.34 3.44
N GLY B 216 0.49 15.14 3.78
CA GLY B 216 0.81 14.36 4.97
C GLY B 216 0.89 12.91 4.56
N GLY B 217 0.74 12.68 3.26
CA GLY B 217 0.78 11.33 2.73
C GLY B 217 2.14 10.97 2.16
N THR B 218 2.20 9.85 1.46
CA THR B 218 3.43 9.35 0.87
C THR B 218 3.36 9.36 -0.66
N GLY B 219 2.45 10.18 -1.18
CA GLY B 219 2.25 10.28 -2.61
C GLY B 219 3.44 10.73 -3.42
N ASP B 220 4.44 11.32 -2.78
CA ASP B 220 5.61 11.76 -3.52
C ASP B 220 6.70 10.68 -3.53
N CYS B 221 6.28 9.44 -3.27
CA CYS B 221 7.20 8.29 -3.25
C CYS B 221 6.61 7.11 -4.01
N LYS B 222 7.48 6.28 -4.58
CA LYS B 222 7.03 5.11 -5.32
C LYS B 222 6.83 3.90 -4.42
N MET B 223 6.09 4.10 -3.34
CA MET B 223 5.81 3.01 -2.41
C MET B 223 4.54 2.30 -2.83
N GLY B 224 4.61 0.98 -2.86
CA GLY B 224 3.50 0.13 -3.29
C GLY B 224 2.12 0.54 -2.81
N GLY B 225 2.03 0.98 -1.57
CA GLY B 225 0.74 1.37 -1.01
C GLY B 225 0.02 2.48 -1.74
N ASN B 226 0.71 3.21 -2.60
CA ASN B 226 0.06 4.30 -3.34
C ASN B 226 -0.62 3.84 -4.62
N TYR B 227 -0.39 2.60 -5.04
CA TYR B 227 -0.98 2.11 -6.28
C TYR B 227 -2.13 1.12 -6.12
N GLY B 228 -2.05 0.29 -5.09
CA GLY B 228 -3.10 -0.68 -4.86
C GLY B 228 -4.45 -0.03 -4.60
N SER B 229 -4.41 1.13 -3.97
CA SER B 229 -5.64 1.85 -3.66
C SER B 229 -6.25 2.54 -4.88
N SER B 230 -5.51 2.58 -5.98
CA SER B 230 -6.03 3.24 -7.17
C SER B 230 -6.73 2.32 -8.19
N LEU B 231 -6.48 1.01 -8.09
CA LEU B 231 -7.07 0.05 -9.02
C LEU B 231 -8.59 0.12 -9.20
N PHE B 232 -9.31 0.36 -8.11
CA PHE B 232 -10.76 0.45 -8.20
C PHE B 232 -11.22 1.58 -9.11
N ALA B 233 -10.52 2.71 -9.04
CA ALA B 233 -10.87 3.86 -9.86
C ALA B 233 -10.43 3.58 -11.29
N GLN B 234 -9.30 2.89 -11.42
CA GLN B 234 -8.79 2.55 -12.74
C GLN B 234 -9.83 1.68 -13.44
N CYS B 235 -10.32 0.67 -12.73
CA CYS B 235 -11.32 -0.23 -13.30
C CYS B 235 -12.57 0.54 -13.66
N GLU B 236 -12.96 1.48 -12.80
CA GLU B 236 -14.15 2.28 -13.05
C GLU B 236 -13.94 3.15 -14.31
N ALA B 237 -12.69 3.49 -14.61
CA ALA B 237 -12.43 4.30 -15.80
C ALA B 237 -12.58 3.42 -17.05
N VAL B 238 -12.01 2.22 -17.01
CA VAL B 238 -12.09 1.32 -18.16
C VAL B 238 -13.51 0.97 -18.57
N ASP B 239 -14.36 0.57 -17.63
CA ASP B 239 -15.72 0.24 -18.03
C ASP B 239 -16.56 1.46 -18.37
N ASN B 240 -15.95 2.65 -18.30
CA ASN B 240 -16.67 3.87 -18.64
C ASN B 240 -16.10 4.49 -19.92
N GLY B 241 -15.26 3.73 -20.61
CA GLY B 241 -14.69 4.20 -21.87
C GLY B 241 -13.31 4.84 -21.85
N CYS B 242 -12.71 4.98 -20.67
CA CYS B 242 -11.39 5.61 -20.61
C CYS B 242 -10.23 4.63 -20.48
N GLN B 243 -9.02 5.17 -20.52
CA GLN B 243 -7.84 4.32 -20.41
C GLN B 243 -7.00 4.70 -19.19
N GLN B 244 -7.37 5.82 -18.56
CA GLN B 244 -6.66 6.28 -17.38
C GLN B 244 -7.51 7.21 -16.53
N VAL B 245 -7.11 7.39 -15.29
CA VAL B 245 -7.81 8.24 -14.36
C VAL B 245 -7.22 9.65 -14.28
N LEU B 246 -8.06 10.67 -14.21
CA LEU B 246 -7.54 12.03 -14.03
C LEU B 246 -7.72 12.25 -12.54
N TRP B 247 -6.61 12.30 -11.81
CA TRP B 247 -6.66 12.47 -10.36
C TRP B 247 -6.93 13.90 -9.89
N LEU B 248 -8.04 14.05 -9.20
CA LEU B 248 -8.47 15.33 -8.67
C LEU B 248 -8.24 15.40 -7.17
N TYR B 249 -7.91 16.59 -6.68
CA TYR B 249 -7.64 16.77 -5.26
C TYR B 249 -8.20 18.10 -4.75
N GLY B 250 -8.72 18.06 -3.52
CA GLY B 250 -9.22 19.26 -2.87
C GLY B 250 -10.59 19.77 -3.27
N GLU B 251 -11.04 20.76 -2.51
CA GLU B 251 -12.32 21.44 -2.71
C GLU B 251 -12.43 22.04 -4.10
N ASP B 252 -11.34 22.59 -4.62
CA ASP B 252 -11.37 23.22 -5.93
C ASP B 252 -11.05 22.26 -7.08
N HIS B 253 -11.03 20.97 -6.78
CA HIS B 253 -10.77 19.93 -7.76
C HIS B 253 -9.47 20.12 -8.55
N GLN B 254 -8.34 20.27 -7.87
CA GLN B 254 -7.09 20.44 -8.60
C GLN B 254 -6.83 19.20 -9.47
N ILE B 255 -6.18 19.41 -10.61
CA ILE B 255 -5.83 18.33 -11.52
C ILE B 255 -4.39 18.02 -11.15
N THR B 256 -4.14 16.80 -10.70
CA THR B 256 -2.79 16.46 -10.29
C THR B 256 -1.96 15.61 -11.25
N GLU B 257 -2.48 14.46 -11.64
CA GLU B 257 -1.75 13.58 -12.54
C GLU B 257 -2.63 12.81 -13.54
N VAL B 258 -2.03 12.48 -14.67
CA VAL B 258 -2.69 11.70 -15.73
C VAL B 258 -2.36 10.25 -15.41
N GLY B 259 -3.32 9.54 -14.82
CA GLY B 259 -3.06 8.17 -14.43
C GLY B 259 -1.91 8.28 -13.46
N THR B 260 -0.88 7.46 -13.63
CA THR B 260 0.28 7.54 -12.76
C THR B 260 1.41 8.20 -13.56
N MET B 261 1.08 9.32 -14.19
CA MET B 261 2.04 10.11 -14.98
C MET B 261 1.82 11.57 -14.62
N ASN B 262 2.88 12.36 -14.64
CA ASN B 262 2.75 13.77 -14.31
C ASN B 262 1.90 14.50 -15.35
N LEU B 263 1.19 15.53 -14.91
CA LEU B 263 0.31 16.30 -15.80
C LEU B 263 0.87 17.62 -16.33
N PHE B 264 0.84 17.78 -17.65
CA PHE B 264 1.30 19.01 -18.30
C PHE B 264 0.18 19.67 -19.11
N LEU B 265 0.01 20.98 -18.94
CA LEU B 265 -1.01 21.71 -19.69
C LEU B 265 -0.32 22.80 -20.49
N TYR B 266 -0.49 22.77 -21.80
CA TYR B 266 0.11 23.76 -22.70
C TYR B 266 -1.03 24.66 -23.15
N TRP B 267 -0.98 25.93 -22.79
CA TRP B 267 -2.07 26.83 -23.11
C TRP B 267 -1.74 28.30 -22.99
N ILE B 268 -2.78 29.11 -23.10
CA ILE B 268 -2.70 30.55 -22.95
C ILE B 268 -3.29 30.68 -21.55
N ASN B 269 -2.51 31.17 -20.58
CA ASN B 269 -3.04 31.28 -19.22
C ASN B 269 -4.00 32.45 -19.05
N GLU B 270 -4.53 32.59 -17.84
CA GLU B 270 -5.50 33.66 -17.54
C GLU B 270 -4.94 35.05 -17.83
N ASP B 271 -3.63 35.19 -17.81
CA ASP B 271 -3.02 36.48 -18.07
C ASP B 271 -2.80 36.66 -19.57
N GLY B 272 -3.20 35.65 -20.35
CA GLY B 272 -3.07 35.74 -21.79
C GLY B 272 -1.72 35.38 -22.37
N GLU B 273 -0.78 34.93 -21.54
CA GLU B 273 0.53 34.57 -22.06
C GLU B 273 0.63 33.06 -22.32
N GLU B 274 1.30 32.70 -23.40
CA GLU B 274 1.52 31.32 -23.77
C GLU B 274 2.26 30.70 -22.60
N GLU B 275 1.84 29.52 -22.17
CA GLU B 275 2.44 28.88 -21.01
C GLU B 275 2.35 27.36 -21.03
N LEU B 276 3.31 26.74 -20.35
CA LEU B 276 3.34 25.30 -20.20
C LEU B 276 3.29 25.20 -18.68
N ALA B 277 2.33 24.47 -18.15
CA ALA B 277 2.17 24.37 -16.72
C ALA B 277 2.06 22.95 -16.22
N THR B 278 2.48 22.76 -14.97
CA THR B 278 2.42 21.45 -14.33
C THR B 278 2.26 21.68 -12.82
N PRO B 279 1.50 20.79 -12.14
CA PRO B 279 1.31 20.94 -10.69
C PRO B 279 2.62 21.09 -9.93
N PRO B 280 2.59 21.76 -8.78
CA PRO B 280 3.82 21.92 -8.01
C PRO B 280 4.08 20.69 -7.13
N LEU B 281 5.34 20.50 -6.74
CA LEU B 281 5.72 19.39 -5.89
C LEU B 281 5.44 19.80 -4.44
N ASP B 282 4.18 19.71 -4.04
CA ASP B 282 3.76 20.08 -2.70
C ASP B 282 3.52 18.86 -1.81
N GLY B 283 3.96 17.69 -2.27
CA GLY B 283 3.76 16.49 -1.47
C GLY B 283 2.76 15.47 -2.01
N ILE B 284 1.87 15.86 -2.91
CA ILE B 284 0.90 14.90 -3.46
C ILE B 284 1.26 14.54 -4.89
N ILE B 285 2.42 15.02 -5.33
CA ILE B 285 2.91 14.78 -6.68
C ILE B 285 4.23 14.03 -6.63
N LEU B 286 4.36 13.00 -7.46
CA LEU B 286 5.59 12.23 -7.51
C LEU B 286 6.53 12.98 -8.44
N PRO B 287 7.77 13.24 -7.98
CA PRO B 287 8.78 13.95 -8.77
C PRO B 287 9.34 13.13 -9.90
N GLY B 288 8.59 13.03 -10.99
CA GLY B 288 9.06 12.26 -12.13
C GLY B 288 10.35 12.78 -12.73
N VAL B 289 11.16 11.88 -13.28
CA VAL B 289 12.40 12.27 -13.91
C VAL B 289 12.02 12.98 -15.21
N THR B 290 11.04 12.40 -15.91
CA THR B 290 10.57 12.94 -17.17
C THR B 290 10.10 14.36 -16.91
N ARG B 291 9.29 14.51 -15.87
CA ARG B 291 8.75 15.81 -15.48
C ARG B 291 9.86 16.87 -15.38
N ARG B 292 10.91 16.56 -14.62
CA ARG B 292 12.02 17.51 -14.45
C ARG B 292 12.72 17.84 -15.77
N CYS B 293 12.89 16.82 -16.62
CA CYS B 293 13.55 17.02 -17.90
C CYS B 293 12.76 17.93 -18.84
N ILE B 294 11.45 17.76 -18.88
CA ILE B 294 10.61 18.59 -19.74
C ILE B 294 10.69 20.04 -19.24
N LEU B 295 10.65 20.21 -17.92
CA LEU B 295 10.77 21.55 -17.37
C LEU B 295 12.14 22.12 -17.75
N ASP B 296 13.17 21.29 -17.69
CA ASP B 296 14.51 21.75 -18.06
C ASP B 296 14.60 22.17 -19.52
N LEU B 297 14.05 21.37 -20.43
CA LEU B 297 14.07 21.69 -21.85
C LEU B 297 13.20 22.92 -22.12
N ALA B 298 12.06 23.00 -21.44
CA ALA B 298 11.14 24.13 -21.60
C ALA B 298 11.82 25.41 -21.15
N HIS B 299 12.42 25.39 -19.96
CA HIS B 299 13.10 26.58 -19.46
C HIS B 299 14.22 26.94 -20.43
N GLN B 300 14.95 25.93 -20.91
CA GLN B 300 16.05 26.14 -21.84
C GLN B 300 15.66 26.77 -23.16
N TRP B 301 14.52 26.40 -23.73
CA TRP B 301 14.11 26.99 -25.00
C TRP B 301 13.62 28.42 -24.84
N GLY B 302 13.10 28.74 -23.66
CA GLY B 302 12.62 30.08 -23.38
C GLY B 302 11.65 30.66 -24.39
N GLU B 303 10.85 29.81 -25.03
CA GLU B 303 9.89 30.28 -26.02
C GLU B 303 8.51 30.58 -25.43
N PHE B 304 8.27 30.12 -24.21
CA PHE B 304 7.00 30.38 -23.54
C PHE B 304 7.22 30.31 -22.03
N LYS B 305 6.26 30.80 -21.26
CA LYS B 305 6.39 30.80 -19.82
C LYS B 305 6.22 29.36 -19.33
N VAL B 306 7.01 29.00 -18.32
CA VAL B 306 7.00 27.66 -17.72
C VAL B 306 6.66 27.80 -16.25
N SER B 307 5.49 27.29 -15.85
CA SER B 307 5.07 27.42 -14.47
C SER B 307 4.71 26.13 -13.71
N GLU B 308 5.19 26.05 -12.47
CA GLU B 308 4.86 24.94 -11.61
C GLU B 308 3.77 25.57 -10.77
N ARG B 309 2.51 25.33 -11.14
CA ARG B 309 1.36 25.92 -10.45
C ARG B 309 0.15 24.98 -10.40
N TYR B 310 -0.84 25.36 -9.60
CA TYR B 310 -2.04 24.54 -9.49
C TYR B 310 -2.96 24.74 -10.68
N LEU B 311 -3.69 23.69 -11.03
CA LEU B 311 -4.62 23.72 -12.14
C LEU B 311 -5.89 23.00 -11.70
N THR B 312 -7.04 23.63 -11.91
CA THR B 312 -8.32 23.02 -11.51
C THR B 312 -9.19 22.77 -12.72
N MET B 313 -10.19 21.90 -12.55
CA MET B 313 -11.11 21.59 -13.64
C MET B 313 -11.73 22.87 -14.20
N ASP B 314 -12.06 23.82 -13.33
CA ASP B 314 -12.65 25.07 -13.79
C ASP B 314 -11.63 25.93 -14.52
N ASP B 315 -10.35 25.82 -14.17
CA ASP B 315 -9.31 26.56 -14.88
C ASP B 315 -9.29 25.98 -16.30
N LEU B 316 -9.50 24.66 -16.38
CA LEU B 316 -9.49 23.95 -17.65
C LEU B 316 -10.73 24.16 -18.52
N THR B 317 -11.92 23.86 -17.97
CA THR B 317 -13.14 24.04 -18.76
C THR B 317 -13.32 25.51 -19.14
N THR B 318 -12.95 26.41 -18.24
CA THR B 318 -13.06 27.83 -18.54
C THR B 318 -12.15 28.14 -19.73
N ALA B 319 -10.95 27.57 -19.69
CA ALA B 319 -9.96 27.78 -20.74
C ALA B 319 -10.35 27.20 -22.09
N LEU B 320 -11.01 26.04 -22.07
CA LEU B 320 -11.44 25.38 -23.29
C LEU B 320 -12.53 26.16 -24.02
N GLU B 321 -13.47 26.71 -23.26
CA GLU B 321 -14.56 27.46 -23.88
C GLU B 321 -14.06 28.79 -24.42
N GLY B 322 -12.79 29.07 -24.19
CA GLY B 322 -12.20 30.30 -24.67
C GLY B 322 -11.15 29.96 -25.72
N ASN B 323 -11.08 28.69 -26.07
CA ASN B 323 -10.11 28.20 -27.05
C ASN B 323 -8.72 28.65 -26.65
N ARG B 324 -8.35 28.41 -25.39
CA ARG B 324 -7.03 28.79 -24.90
C ARG B 324 -6.10 27.59 -24.66
N VAL B 325 -6.66 26.39 -24.77
CA VAL B 325 -5.89 25.17 -24.56
C VAL B 325 -5.39 24.61 -25.87
N ARG B 326 -4.13 24.24 -25.90
CA ARG B 326 -3.53 23.69 -27.11
C ARG B 326 -3.17 22.24 -26.97
N GLU B 327 -2.60 21.88 -25.84
CA GLU B 327 -2.18 20.51 -25.62
C GLU B 327 -2.23 20.09 -24.16
N MET B 328 -2.61 18.84 -23.93
CA MET B 328 -2.60 18.28 -22.60
C MET B 328 -2.01 16.89 -22.73
N PHE B 329 -0.93 16.63 -21.99
CA PHE B 329 -0.29 15.33 -22.03
C PHE B 329 0.27 14.90 -20.68
N GLY B 330 0.67 13.63 -20.59
CA GLY B 330 1.22 13.11 -19.36
C GLY B 330 2.67 12.77 -19.62
N SER B 331 3.49 12.74 -18.57
CA SER B 331 4.90 12.42 -18.74
C SER B 331 5.28 11.26 -17.82
N GLY B 332 6.20 10.42 -18.28
CA GLY B 332 6.63 9.28 -17.50
C GLY B 332 7.63 8.46 -18.29
N THR B 333 8.44 7.66 -17.60
CA THR B 333 9.47 6.86 -18.28
C THR B 333 8.96 5.90 -19.37
N ALA B 334 7.86 5.20 -19.09
CA ALA B 334 7.28 4.26 -20.04
C ALA B 334 6.81 4.88 -21.36
N CYS B 335 6.07 5.97 -21.28
CA CYS B 335 5.56 6.65 -22.47
C CYS B 335 6.46 7.79 -22.92
N VAL B 336 7.12 8.40 -21.95
CA VAL B 336 7.96 9.59 -22.17
C VAL B 336 6.92 10.71 -22.08
N VAL B 337 5.99 10.70 -23.04
CA VAL B 337 4.88 11.64 -23.03
C VAL B 337 3.73 10.90 -23.66
N CYS B 338 2.51 11.21 -23.19
CA CYS B 338 1.31 10.58 -23.67
C CYS B 338 0.18 11.60 -23.74
N PRO B 339 -0.21 11.99 -24.96
CA PRO B 339 -1.28 12.97 -25.22
C PRO B 339 -2.66 12.59 -24.72
N VAL B 340 -3.40 13.62 -24.31
CA VAL B 340 -4.77 13.47 -23.81
C VAL B 340 -5.74 14.14 -24.78
N SER B 341 -6.82 13.45 -25.15
CA SER B 341 -7.77 14.02 -26.08
C SER B 341 -9.16 14.24 -25.52
N ASP B 342 -9.48 13.59 -24.39
CA ASP B 342 -10.80 13.74 -23.80
C ASP B 342 -10.80 13.52 -22.29
N ILE B 343 -11.82 14.08 -21.64
CA ILE B 343 -11.99 13.93 -20.21
C ILE B 343 -13.48 13.79 -19.91
N LEU B 344 -13.86 12.68 -19.30
CA LEU B 344 -15.25 12.47 -18.91
C LEU B 344 -15.34 13.03 -17.50
N TYR B 345 -16.12 14.09 -17.34
CA TYR B 345 -16.23 14.76 -16.05
C TYR B 345 -17.64 14.66 -15.43
N LYS B 346 -18.29 15.81 -15.22
CA LYS B 346 -19.62 15.80 -14.59
C LYS B 346 -20.73 15.19 -15.45
N GLY B 347 -20.54 13.97 -15.92
CA GLY B 347 -21.54 13.33 -16.74
C GLY B 347 -21.41 13.68 -18.22
N GLU B 348 -20.46 14.54 -18.57
CA GLU B 348 -20.28 14.91 -19.97
C GLU B 348 -18.86 14.57 -20.44
N THR B 349 -18.64 14.65 -21.75
CA THR B 349 -17.34 14.38 -22.33
C THR B 349 -16.76 15.72 -22.76
N ILE B 350 -15.57 16.04 -22.26
CA ILE B 350 -14.96 17.30 -22.62
C ILE B 350 -13.81 17.00 -23.57
N HIS B 351 -13.89 17.51 -24.79
CA HIS B 351 -12.83 17.25 -25.74
C HIS B 351 -11.65 18.20 -25.56
N ILE B 352 -10.45 17.67 -25.74
CA ILE B 352 -9.25 18.48 -25.60
C ILE B 352 -8.56 18.45 -26.97
N PRO B 353 -8.44 19.63 -27.62
CA PRO B 353 -7.84 19.87 -28.93
C PRO B 353 -6.37 19.51 -29.05
N THR B 354 -5.91 18.62 -28.19
CA THR B 354 -4.52 18.21 -28.22
C THR B 354 -4.07 17.70 -29.57
N MET B 355 -4.78 16.70 -30.11
CA MET B 355 -4.39 16.12 -31.38
C MET B 355 -4.61 16.98 -32.63
N GLU B 356 -5.55 17.90 -32.59
CA GLU B 356 -5.76 18.73 -33.76
C GLU B 356 -4.76 19.89 -33.77
N ASN B 357 -3.91 19.95 -32.75
CA ASN B 357 -2.88 20.99 -32.64
C ASN B 357 -1.49 20.39 -32.81
N GLY B 358 -1.40 19.34 -33.62
CA GLY B 358 -0.12 18.70 -33.84
C GLY B 358 -0.14 17.26 -33.34
N PRO B 359 0.16 17.04 -32.06
CA PRO B 359 0.51 18.03 -31.04
C PRO B 359 1.93 18.49 -31.23
N LYS B 360 2.11 19.76 -31.56
CA LYS B 360 3.43 20.33 -31.81
C LYS B 360 4.44 20.08 -30.70
N LEU B 361 4.15 20.60 -29.51
CA LEU B 361 5.03 20.47 -28.36
C LEU B 361 5.25 19.04 -27.89
N ALA B 362 4.16 18.27 -27.81
CA ALA B 362 4.26 16.88 -27.37
C ALA B 362 5.29 16.15 -28.24
N SER B 363 5.21 16.37 -29.54
CA SER B 363 6.14 15.73 -30.47
C SER B 363 7.56 16.23 -30.29
N ARG B 364 7.73 17.55 -30.26
CA ARG B 364 9.05 18.18 -30.10
C ARG B 364 9.73 17.60 -28.87
N ILE B 365 8.96 17.49 -27.79
CA ILE B 365 9.46 16.95 -26.55
C ILE B 365 9.90 15.50 -26.70
N LEU B 366 9.01 14.65 -27.22
CA LEU B 366 9.31 13.25 -27.43
C LEU B 366 10.52 13.11 -28.35
N SER B 367 10.55 13.95 -29.38
CA SER B 367 11.64 13.92 -30.33
C SER B 367 12.96 14.26 -29.64
N LYS B 368 12.95 15.27 -28.78
CA LYS B 368 14.16 15.66 -28.08
C LYS B 368 14.66 14.59 -27.12
N LEU B 369 13.77 14.17 -26.22
CA LEU B 369 14.11 13.16 -25.24
C LEU B 369 14.64 11.86 -25.83
N THR B 370 14.01 11.34 -26.87
CA THR B 370 14.48 10.10 -27.46
C THR B 370 15.81 10.33 -28.18
N ASP B 371 15.95 11.48 -28.82
CA ASP B 371 17.18 11.81 -29.52
C ASP B 371 18.35 11.74 -28.53
N ILE B 372 18.06 12.13 -27.30
CA ILE B 372 19.07 12.09 -26.24
C ILE B 372 19.25 10.67 -25.70
N GLN B 373 18.14 9.94 -25.52
CA GLN B 373 18.22 8.58 -25.00
C GLN B 373 19.01 7.64 -25.91
N TYR B 374 18.79 7.73 -27.22
CA TYR B 374 19.49 6.87 -28.18
C TYR B 374 20.81 7.45 -28.68
N GLY B 375 21.33 8.45 -27.96
CA GLY B 375 22.58 9.05 -28.36
C GLY B 375 22.63 9.73 -29.72
N ARG B 376 21.48 10.04 -30.31
CA ARG B 376 21.48 10.74 -31.59
C ARG B 376 21.88 12.19 -31.29
N GLU B 377 22.09 12.46 -30.01
CA GLU B 377 22.49 13.77 -29.53
C GLU B 377 23.22 13.61 -28.18
N GLU B 378 24.36 14.26 -28.03
CA GLU B 378 25.14 14.17 -26.79
C GLU B 378 24.68 15.16 -25.72
N ARG B 379 24.62 14.67 -24.47
CA ARG B 379 24.22 15.50 -23.34
C ARG B 379 24.41 14.70 -22.05
N ASP B 380 24.87 15.38 -21.01
CA ASP B 380 25.13 14.76 -19.72
C ASP B 380 23.98 13.99 -19.07
N TRP B 381 22.89 13.74 -19.79
CA TRP B 381 21.77 12.99 -19.19
C TRP B 381 21.85 11.48 -19.42
N THR B 382 22.78 11.02 -20.24
CA THR B 382 22.89 9.59 -20.48
C THR B 382 24.21 8.98 -20.01
N ILE B 383 24.18 7.70 -19.71
CA ILE B 383 25.36 6.97 -19.25
C ILE B 383 25.62 5.86 -20.26
N VAL B 384 26.88 5.68 -20.64
CA VAL B 384 27.24 4.64 -21.60
C VAL B 384 27.48 3.30 -20.92
N LEU B 385 27.15 2.24 -21.66
CA LEU B 385 27.29 0.84 -21.24
C LEU B 385 27.59 0.68 -19.75
N1 PLP C . -8.06 0.22 13.03
C2 PLP C . -7.37 -0.17 11.94
C2A PLP C . -6.69 0.92 11.06
C3 PLP C . -7.30 -1.52 11.63
O3 PLP C . -6.61 -1.92 10.54
C4 PLP C . -7.92 -2.47 12.40
C4A PLP C . -7.82 -3.96 11.96
C5 PLP C . -8.62 -2.04 13.53
C6 PLP C . -8.67 -0.70 13.82
C5A PLP C . -9.33 -2.95 14.49
O4P PLP C . -10.39 -3.76 14.03
P PLP C . -10.64 -5.01 14.97
O1P PLP C . -9.39 -5.77 15.19
O2P PLP C . -11.60 -5.74 13.90
O3P PLP C . -11.42 -4.57 16.14
N1 GBN D . -3.55 -2.54 16.02
C2 GBN D . -3.47 -3.80 15.32
C3 GBN D . -5.32 -4.82 14.79
C1R GBN D . -3.87 -4.75 14.15
C2R GBN D . -3.31 -6.22 13.94
C3R GBN D . -1.87 -6.11 13.29
C4R GBN D . -1.95 -5.39 11.89
C5R GBN D . -2.50 -3.94 12.09
C6R GBN D . -3.92 -4.02 12.74
C GBN D . -5.70 -5.39 16.00
OA GBN D . -5.82 -4.52 16.88
OB GBN D . -5.89 -6.61 16.20
MG MG E . 31.06 3.41 -1.48
N1 PLP F . 3.59 9.71 -11.27
C2 PLP F . 3.57 8.60 -10.47
C2A PLP F . 2.41 8.45 -9.45
C3 PLP F . 4.58 7.67 -10.58
O3 PLP F . 4.53 6.52 -9.78
C4 PLP F . 5.63 7.84 -11.51
C4A PLP F . 6.74 6.80 -11.56
C5 PLP F . 5.61 9.01 -12.33
C6 PLP F . 4.59 9.91 -12.18
C5A PLP F . 6.67 9.34 -13.42
O4P PLP F . 8.02 9.53 -12.96
P PLP F . 9.19 9.17 -13.98
O1P PLP F . 9.01 7.78 -14.50
O2P PLP F . 10.40 9.22 -12.99
O3P PLP F . 9.27 10.30 -14.92
N1 GBN G . 2.37 5.25 -15.48
C2 GBN G . 3.44 4.33 -15.16
C3 GBN G . 5.41 5.14 -14.67
C1R GBN G . 4.61 3.84 -14.25
C2R GBN G . 5.50 2.58 -14.54
C3R GBN G . 4.66 1.31 -14.09
C4R GBN G . 4.35 1.37 -12.54
C5R GBN G . 3.48 2.64 -12.25
C6R GBN G . 4.27 3.90 -12.71
C GBN G . 5.91 5.49 -15.92
OA GBN G . 5.21 6.38 -16.46
OB GBN G . 6.95 4.99 -16.45
#